data_9HJP
#
_entry.id   9HJP
#
_cell.length_a   67.209
_cell.length_b   86.934
_cell.length_c   82.466
_cell.angle_alpha   90
_cell.angle_beta   95.24
_cell.angle_gamma   90
#
_symmetry.space_group_name_H-M   'P 1 21 1'
#
loop_
_entity.id
_entity.type
_entity.pdbx_description
1 polymer Gasdermin-D
2 non-polymer 'CHLORIDE ION'
3 non-polymer 3,6,9,12,15,18,21-HEPTAOXATRICOSANE-1,23-DIOL
4 non-polymer 'SODIUM ION'
5 water water
#
_entity_poly.entity_id   1
_entity_poly.type   'polypeptide(L)'
_entity_poly.pdbx_seq_one_letter_code
;MPSAFEKVVKNVIKEVSGSRGDLIPVDSLRNSTSFRPYCLLNRKFSSSRFWKPRYSCVNLSIKDILEPSAPEPEPECFGS
FKVSDVVDGNIQGRVMLSGMGEGKISGGAAVSDSSSASMNVCILRVTQKTWETMQHERHLQQPENKILQQLRSRGDDLFV
VTEVLQTKEEVQITEVHSQEGPGALCLKGEHQSRKKMVTIPAGSILAFRVAQLLIGSKWDILLVSDEKQRTFEPSSGDLS
DGIDEEELIEAADFQGLYAEVKACSSELESLEMELRQQILVNIGKILQDQPSMEALEASLGQGLCSGGQVEPLDGPAGCI
LECLVLDSGELVPELAAPIFYLLGALAVLSETQQQLLAKALETTVLSKQLELVKHVLEQSTPWQEQSSVSLPTVLLGDCW
DEKNPTWVLLEECGLRLQVESPQVHWEPTSLIPTSALYASLFLLSSLGQKPC
;
_entity_poly.pdbx_strand_id   A,B
#
loop_
_chem_comp.id
_chem_comp.type
_chem_comp.name
_chem_comp.formula
CL non-polymer 'CHLORIDE ION' 'Cl -1'
NA non-polymer 'SODIUM ION' 'Na 1'
PE8 non-polymer 3,6,9,12,15,18,21-HEPTAOXATRICOSANE-1,23-DIOL 'C16 H34 O9'
#
# COMPACT_ATOMS: atom_id res chain seq x y z
N MET A 1 -14.89 -10.04 -15.84
CA MET A 1 -16.25 -9.59 -15.53
C MET A 1 -16.28 -8.78 -14.23
N PRO A 2 -16.62 -7.49 -14.32
CA PRO A 2 -16.70 -6.68 -13.09
C PRO A 2 -18.01 -6.92 -12.31
N SER A 3 -18.09 -6.38 -11.08
CA SER A 3 -19.33 -6.45 -10.32
C SER A 3 -20.06 -5.17 -10.74
N ALA A 4 -20.74 -5.24 -11.92
CA ALA A 4 -21.46 -4.19 -12.66
C ALA A 4 -20.49 -3.18 -13.34
N PHE A 5 -19.60 -2.55 -12.56
CA PHE A 5 -18.58 -1.60 -13.00
C PHE A 5 -17.41 -1.49 -11.99
N GLU A 6 -17.33 -2.46 -11.04
CA GLU A 6 -16.35 -2.49 -9.98
C GLU A 6 -14.94 -2.51 -10.45
N LYS A 7 -14.65 -3.14 -11.60
CA LYS A 7 -13.28 -3.15 -12.13
C LYS A 7 -12.84 -1.76 -12.55
N VAL A 8 -13.71 -0.96 -13.19
CA VAL A 8 -13.37 0.42 -13.56
C VAL A 8 -13.19 1.31 -12.30
N VAL A 9 -14.03 1.12 -11.28
CA VAL A 9 -13.92 1.84 -10.01
C VAL A 9 -12.59 1.48 -9.33
N LYS A 10 -12.22 0.19 -9.34
CA LYS A 10 -10.97 -0.27 -8.74
C LYS A 10 -9.76 0.29 -9.48
N ASN A 11 -9.87 0.47 -10.81
CA ASN A 11 -8.76 1.06 -11.56
C ASN A 11 -8.58 2.52 -11.18
N VAL A 12 -9.67 3.28 -11.00
CA VAL A 12 -9.60 4.69 -10.59
C VAL A 12 -8.98 4.80 -9.18
N ILE A 13 -9.39 3.93 -8.25
CA ILE A 13 -8.85 3.93 -6.90
C ILE A 13 -7.36 3.63 -6.93
N LYS A 14 -6.94 2.64 -7.72
CA LYS A 14 -5.52 2.26 -7.85
C LYS A 14 -4.65 3.40 -8.37
N GLU A 15 -5.16 4.19 -9.31
CA GLU A 15 -4.41 5.32 -9.86
C GLU A 15 -4.35 6.50 -8.89
N VAL A 16 -5.44 6.79 -8.21
CA VAL A 16 -5.55 7.91 -7.30
C VAL A 16 -4.86 7.68 -5.94
N SER A 17 -5.18 6.57 -5.25
CA SER A 17 -4.66 6.31 -3.92
C SER A 17 -3.42 5.40 -3.84
N GLY A 18 -3.05 4.77 -4.95
CA GLY A 18 -1.88 3.91 -5.00
C GLY A 18 -2.17 2.45 -4.74
N SER A 19 -2.91 2.15 -3.65
CA SER A 19 -3.28 0.78 -3.29
C SER A 19 -4.81 0.67 -3.11
N ARG A 20 -5.36 -0.56 -3.14
CA ARG A 20 -6.80 -0.74 -2.97
C ARG A 20 -7.29 -0.61 -1.51
N GLY A 21 -6.42 -0.93 -0.56
CA GLY A 21 -6.73 -0.92 0.87
C GLY A 21 -6.75 0.44 1.55
N ASP A 22 -7.63 1.33 1.09
CA ASP A 22 -7.78 2.67 1.67
C ASP A 22 -9.17 3.25 1.40
N LEU A 23 -9.66 3.14 0.15
CA LEU A 23 -10.98 3.64 -0.24
C LEU A 23 -11.93 2.49 -0.59
N ILE A 24 -13.15 2.54 -0.07
CA ILE A 24 -14.17 1.53 -0.30
C ILE A 24 -14.92 1.85 -1.59
N PRO A 25 -15.02 0.90 -2.53
CA PRO A 25 -15.75 1.18 -3.78
C PRO A 25 -17.27 1.27 -3.61
N VAL A 26 -17.93 2.18 -4.34
CA VAL A 26 -19.38 2.32 -4.28
C VAL A 26 -20.01 1.23 -5.15
N ASP A 27 -21.04 0.57 -4.64
CA ASP A 27 -21.74 -0.54 -5.31
C ASP A 27 -22.53 -0.14 -6.58
N SER A 28 -23.33 0.94 -6.51
CA SER A 28 -24.13 1.35 -7.67
C SER A 28 -24.32 2.86 -7.75
N LEU A 29 -24.60 3.35 -8.96
CA LEU A 29 -24.86 4.78 -9.17
C LEU A 29 -26.14 5.24 -8.44
N ARG A 30 -27.10 4.34 -8.28
CA ARG A 30 -28.35 4.66 -7.58
C ARG A 30 -28.06 4.98 -6.10
N ASN A 31 -27.19 4.19 -5.48
CA ASN A 31 -26.86 4.36 -4.08
C ASN A 31 -25.82 5.45 -3.81
N SER A 32 -25.08 5.90 -4.85
CA SER A 32 -24.03 6.92 -4.71
C SER A 32 -24.45 8.17 -3.94
N THR A 33 -25.68 8.65 -4.15
CA THR A 33 -26.19 9.83 -3.45
C THR A 33 -26.22 9.68 -1.91
N SER A 34 -26.20 8.45 -1.42
CA SER A 34 -26.24 8.19 0.01
C SER A 34 -24.86 7.98 0.65
N PHE A 35 -23.78 7.96 -0.13
CA PHE A 35 -22.44 7.79 0.39
C PHE A 35 -21.64 9.10 0.38
N ARG A 36 -22.31 10.26 0.38
CA ARG A 36 -21.66 11.57 0.36
C ARG A 36 -21.01 11.89 1.72
N PRO A 37 -20.06 12.85 1.79
CA PRO A 37 -19.45 13.19 3.10
C PRO A 37 -20.49 13.52 4.17
N TYR A 38 -20.22 13.10 5.41
CA TYR A 38 -21.09 13.25 6.57
C TYR A 38 -22.22 12.24 6.62
N CYS A 39 -22.48 11.49 5.53
CA CYS A 39 -23.54 10.49 5.55
C CYS A 39 -23.26 9.40 6.56
N LEU A 40 -24.31 8.86 7.17
CA LEU A 40 -24.16 7.81 8.15
C LEU A 40 -24.41 6.46 7.50
N LEU A 41 -23.58 5.50 7.86
CA LEU A 41 -23.68 4.14 7.36
C LEU A 41 -23.69 3.20 8.56
N ASN A 42 -24.48 2.14 8.49
CA ASN A 42 -24.50 1.14 9.53
C ASN A 42 -23.87 -0.16 9.01
N ARG A 43 -23.36 -0.97 9.90
CA ARG A 43 -22.78 -2.25 9.54
C ARG A 43 -23.25 -3.22 10.61
N LYS A 44 -23.80 -4.36 10.21
CA LYS A 44 -24.27 -5.37 11.17
C LYS A 44 -23.16 -5.84 12.08
N PHE A 45 -23.52 -6.36 13.26
CA PHE A 45 -22.56 -6.85 14.25
C PHE A 45 -21.57 -7.84 13.61
N SER A 46 -20.27 -7.59 13.77
CA SER A 46 -19.27 -8.48 13.17
C SER A 46 -19.12 -9.80 13.92
N SER A 47 -19.61 -10.86 13.29
CA SER A 47 -19.58 -12.21 13.85
C SER A 47 -18.19 -12.89 13.67
N SER A 48 -17.36 -12.38 12.76
CA SER A 48 -16.06 -12.98 12.51
C SER A 48 -14.95 -11.94 12.39
N ARG A 49 -13.72 -12.36 12.70
CA ARG A 49 -12.54 -11.51 12.56
C ARG A 49 -11.87 -11.64 11.17
N PHE A 50 -12.28 -12.63 10.36
CA PHE A 50 -11.73 -12.89 9.02
C PHE A 50 -12.57 -12.26 7.91
N TRP A 51 -13.88 -12.07 8.13
CA TRP A 51 -14.77 -11.40 7.18
C TRP A 51 -15.58 -10.32 7.88
N LYS A 52 -15.90 -9.25 7.15
CA LYS A 52 -16.67 -8.15 7.72
C LYS A 52 -17.91 -7.84 6.87
N PRO A 53 -19.06 -7.54 7.51
CA PRO A 53 -20.27 -7.24 6.73
C PRO A 53 -20.14 -5.95 5.90
N ARG A 54 -20.96 -5.81 4.86
CA ARG A 54 -20.95 -4.63 4.02
C ARG A 54 -21.61 -3.45 4.74
N TYR A 55 -21.27 -2.22 4.35
CA TYR A 55 -21.89 -1.05 4.91
C TYR A 55 -23.23 -0.81 4.23
N SER A 56 -24.24 -0.51 5.04
CA SER A 56 -25.58 -0.19 4.57
C SER A 56 -25.84 1.31 4.82
N CYS A 57 -26.76 1.89 4.07
CA CYS A 57 -27.08 3.30 4.20
C CYS A 57 -28.15 3.56 5.24
N VAL A 58 -27.87 4.51 6.14
CA VAL A 58 -28.86 4.93 7.13
C VAL A 58 -29.80 6.01 6.52
N ASN A 59 -29.39 6.65 5.39
CA ASN A 59 -30.09 7.75 4.73
C ASN A 59 -30.26 8.97 5.64
N LEU A 60 -29.29 9.14 6.56
CA LEU A 60 -29.19 10.23 7.51
C LEU A 60 -27.78 10.76 7.48
N SER A 61 -27.61 11.99 7.93
CA SER A 61 -26.33 12.65 8.00
C SER A 61 -25.96 12.83 9.48
N ILE A 62 -24.67 13.13 9.76
CA ILE A 62 -24.20 13.31 11.14
C ILE A 62 -25.00 14.40 11.91
N LYS A 63 -25.49 15.44 11.20
CA LYS A 63 -26.29 16.52 11.81
C LYS A 63 -27.63 16.03 12.33
N ASP A 64 -28.16 14.94 11.75
CA ASP A 64 -29.47 14.39 12.11
C ASP A 64 -29.48 13.69 13.49
N ILE A 65 -28.31 13.34 14.02
CA ILE A 65 -28.17 12.73 15.34
C ILE A 65 -27.51 13.67 16.38
N LEU A 66 -27.17 14.90 15.98
CA LEU A 66 -26.52 15.84 16.89
C LEU A 66 -27.37 17.09 17.15
N GLU A 67 -27.08 17.76 18.27
CA GLU A 67 -27.71 18.99 18.69
C GLU A 67 -26.59 20.02 18.97
N PRO A 68 -26.75 21.30 18.58
CA PRO A 68 -27.90 21.88 17.86
C PRO A 68 -27.96 21.41 16.41
N SER A 69 -29.19 21.28 15.87
CA SER A 69 -29.34 20.81 14.49
C SER A 69 -28.97 21.95 13.54
N ALA A 70 -27.93 21.72 12.75
CA ALA A 70 -27.43 22.73 11.82
C ALA A 70 -26.69 22.05 10.66
N PRO A 71 -26.73 22.62 9.44
CA PRO A 71 -26.00 21.98 8.33
C PRO A 71 -24.49 21.90 8.58
N GLU A 72 -23.88 20.84 8.05
CA GLU A 72 -22.46 20.59 8.21
C GLU A 72 -21.65 21.52 7.32
N PRO A 73 -20.41 21.85 7.73
CA PRO A 73 -19.57 22.71 6.88
C PRO A 73 -19.27 22.05 5.54
N GLU A 74 -19.07 22.84 4.48
CA GLU A 74 -18.79 22.28 3.16
C GLU A 74 -17.47 21.50 3.16
N PRO A 75 -17.46 20.26 2.62
CA PRO A 75 -16.21 19.49 2.59
C PRO A 75 -15.17 20.14 1.71
N GLU A 76 -13.90 20.02 2.10
CA GLU A 76 -12.82 20.64 1.34
C GLU A 76 -12.43 19.79 0.14
N CYS A 77 -12.06 20.43 -0.96
CA CYS A 77 -11.61 19.70 -2.14
C CYS A 77 -10.10 19.49 -2.03
N PHE A 78 -9.69 18.27 -1.71
CA PHE A 78 -8.29 17.93 -1.54
C PHE A 78 -7.56 17.98 -2.89
N GLY A 79 -8.20 17.51 -3.96
CA GLY A 79 -7.58 17.55 -5.28
C GLY A 79 -8.40 17.04 -6.44
N SER A 80 -7.85 17.15 -7.65
CA SER A 80 -8.47 16.69 -8.89
C SER A 80 -7.50 15.79 -9.66
N PHE A 81 -8.02 14.82 -10.40
CA PHE A 81 -7.18 13.88 -11.16
C PHE A 81 -7.78 13.60 -12.52
N LYS A 82 -6.92 13.25 -13.46
CA LYS A 82 -7.33 12.88 -14.80
C LYS A 82 -6.97 11.41 -14.97
N VAL A 83 -7.91 10.47 -14.76
CA VAL A 83 -7.62 9.06 -14.92
C VAL A 83 -7.93 8.57 -16.33
N SER A 84 -7.07 7.71 -16.89
CA SER A 84 -7.24 7.20 -18.24
C SER A 84 -7.51 5.70 -18.34
N ASP A 85 -7.28 4.94 -17.24
CA ASP A 85 -7.59 3.51 -17.25
C ASP A 85 -8.99 3.35 -16.68
N VAL A 86 -9.98 3.55 -17.56
CA VAL A 86 -11.39 3.49 -17.26
C VAL A 86 -12.12 2.37 -18.05
N VAL A 87 -11.38 1.35 -18.51
CA VAL A 87 -11.91 0.21 -19.25
C VAL A 87 -11.28 -1.04 -18.66
N ASP A 88 -12.08 -2.02 -18.24
CA ASP A 88 -11.55 -3.28 -17.69
C ASP A 88 -12.38 -4.48 -18.13
N SER A 114 -11.02 5.70 -31.85
CA SER A 114 -9.62 5.79 -32.27
C SER A 114 -8.72 6.56 -31.27
N SER A 115 -9.29 7.12 -30.20
CA SER A 115 -8.51 7.85 -29.21
C SER A 115 -8.90 7.45 -27.78
N SER A 116 -7.97 7.62 -26.82
CA SER A 116 -8.10 7.23 -25.42
C SER A 116 -9.25 7.90 -24.64
N ALA A 117 -9.67 7.26 -23.53
CA ALA A 117 -10.74 7.78 -22.67
C ALA A 117 -10.19 8.29 -21.34
N SER A 118 -10.50 9.55 -21.02
CA SER A 118 -10.06 10.18 -19.78
C SER A 118 -11.28 10.66 -19.00
N MET A 119 -11.21 10.51 -17.70
CA MET A 119 -12.27 10.90 -16.78
C MET A 119 -11.68 11.76 -15.66
N ASN A 120 -12.32 12.87 -15.36
CA ASN A 120 -11.85 13.75 -14.29
C ASN A 120 -12.58 13.45 -12.99
N VAL A 121 -11.82 13.11 -11.94
CA VAL A 121 -12.37 12.84 -10.62
C VAL A 121 -11.78 13.80 -9.59
N CYS A 122 -12.47 13.99 -8.46
CA CYS A 122 -11.96 14.83 -7.40
C CYS A 122 -12.23 14.23 -6.02
N ILE A 123 -11.38 14.55 -5.06
CA ILE A 123 -11.51 14.06 -3.70
C ILE A 123 -12.06 15.16 -2.81
N LEU A 124 -13.15 14.88 -2.11
CA LEU A 124 -13.73 15.81 -1.15
C LEU A 124 -13.50 15.18 0.22
N ARG A 125 -12.92 15.94 1.16
CA ARG A 125 -12.66 15.41 2.50
C ARG A 125 -13.12 16.32 3.63
N VAL A 126 -13.49 15.70 4.75
CA VAL A 126 -13.86 16.42 5.96
C VAL A 126 -12.60 16.41 6.81
N THR A 127 -12.03 17.58 7.08
CA THR A 127 -10.78 17.69 7.82
C THR A 127 -10.91 17.28 9.29
N GLN A 128 -9.80 16.87 9.92
CA GLN A 128 -9.81 16.50 11.32
C GLN A 128 -10.23 17.69 12.21
N LYS A 129 -9.82 18.91 11.83
CA LYS A 129 -10.20 20.13 12.55
C LYS A 129 -11.70 20.35 12.51
N THR A 130 -12.36 19.99 11.39
CA THR A 130 -13.82 20.11 11.28
C THR A 130 -14.49 19.14 12.24
N TRP A 131 -13.97 17.91 12.36
CA TRP A 131 -14.52 16.94 13.28
C TRP A 131 -14.33 17.37 14.72
N GLU A 132 -13.14 17.88 15.06
CA GLU A 132 -12.84 18.37 16.41
C GLU A 132 -13.73 19.56 16.78
N THR A 133 -13.97 20.46 15.83
CA THR A 133 -14.83 21.63 16.04
C THR A 133 -16.28 21.17 16.28
N MET A 134 -16.74 20.20 15.48
CA MET A 134 -18.08 19.63 15.58
C MET A 134 -18.27 18.89 16.91
N GLN A 135 -17.23 18.23 17.42
CA GLN A 135 -17.28 17.53 18.71
C GLN A 135 -17.38 18.52 19.88
N HIS A 136 -16.76 19.70 19.74
CA HIS A 136 -16.79 20.71 20.78
C HIS A 136 -18.13 21.48 20.76
N GLU A 137 -18.65 21.78 19.57
CA GLU A 137 -19.89 22.55 19.43
C GLU A 137 -21.18 21.74 19.51
N ARG A 138 -21.14 20.47 19.12
CA ARG A 138 -22.34 19.64 19.09
C ARG A 138 -22.27 18.43 20.01
N HIS A 139 -23.41 18.12 20.61
CA HIS A 139 -23.57 16.98 21.50
C HIS A 139 -24.64 16.03 20.95
N LEU A 140 -24.70 14.80 21.46
CA LEU A 140 -25.70 13.84 21.00
C LEU A 140 -27.11 14.32 21.36
N GLN A 141 -28.10 14.07 20.49
CA GLN A 141 -29.49 14.45 20.74
C GLN A 141 -29.98 13.74 21.99
N GLN A 142 -30.05 14.48 23.09
CA GLN A 142 -30.34 13.95 24.40
C GLN A 142 -31.59 13.05 24.52
N PRO A 143 -32.84 13.40 24.10
CA PRO A 143 -33.94 12.40 24.25
C PRO A 143 -33.85 11.18 23.30
N GLU A 144 -32.66 11.00 22.66
CA GLU A 144 -32.21 9.91 21.81
C GLU A 144 -33.05 9.66 20.56
N ASN A 145 -32.35 9.64 19.43
CA ASN A 145 -32.83 9.44 18.07
C ASN A 145 -33.41 8.03 17.91
N LYS A 146 -34.59 7.91 17.29
CA LYS A 146 -35.22 6.59 17.10
C LYS A 146 -34.39 5.63 16.24
N ILE A 147 -33.68 6.14 15.23
CA ILE A 147 -32.87 5.27 14.36
C ILE A 147 -31.68 4.69 15.12
N LEU A 148 -31.08 5.48 16.02
CA LEU A 148 -29.99 5.01 16.85
C LEU A 148 -30.45 3.93 17.80
N GLN A 149 -31.67 4.06 18.36
CA GLN A 149 -32.25 3.06 19.24
C GLN A 149 -32.44 1.73 18.50
N GLN A 150 -32.85 1.80 17.23
CA GLN A 150 -33.04 0.61 16.43
C GLN A 150 -31.71 -0.08 16.10
N LEU A 151 -30.65 0.70 15.77
CA LEU A 151 -29.34 0.14 15.49
C LEU A 151 -28.72 -0.47 16.75
N ARG A 152 -28.90 0.19 17.90
CA ARG A 152 -28.42 -0.27 19.20
C ARG A 152 -29.09 -1.60 19.57
N SER A 153 -30.42 -1.72 19.37
CA SER A 153 -31.19 -2.95 19.64
C SER A 153 -30.68 -4.11 18.80
N ARG A 154 -30.26 -3.84 17.57
CA ARG A 154 -29.75 -4.84 16.64
C ARG A 154 -28.26 -5.17 16.83
N GLY A 155 -27.53 -4.35 17.59
CA GLY A 155 -26.10 -4.54 17.78
C GLY A 155 -25.28 -4.09 16.59
N ASP A 156 -25.85 -3.19 15.76
CA ASP A 156 -25.17 -2.65 14.60
C ASP A 156 -24.09 -1.62 15.01
N ASP A 157 -23.10 -1.43 14.14
CA ASP A 157 -22.05 -0.44 14.32
C ASP A 157 -22.38 0.76 13.42
N LEU A 158 -22.06 1.97 13.87
CA LEU A 158 -22.35 3.18 13.09
C LEU A 158 -21.06 3.83 12.61
N PHE A 159 -21.07 4.31 11.37
CA PHE A 159 -19.92 4.92 10.68
C PHE A 159 -20.31 6.22 9.97
N VAL A 160 -19.33 7.08 9.71
CA VAL A 160 -19.59 8.35 9.01
C VAL A 160 -18.63 8.49 7.85
N VAL A 161 -19.13 8.90 6.67
CA VAL A 161 -18.28 9.07 5.49
C VAL A 161 -17.40 10.31 5.67
N THR A 162 -16.09 10.11 5.72
CA THR A 162 -15.15 11.20 5.92
C THR A 162 -14.48 11.72 4.65
N GLU A 163 -14.51 10.94 3.57
CA GLU A 163 -13.88 11.33 2.31
C GLU A 163 -14.56 10.64 1.14
N VAL A 164 -14.68 11.33 0.00
CA VAL A 164 -15.27 10.73 -1.20
C VAL A 164 -14.43 10.99 -2.44
N LEU A 165 -14.54 10.11 -3.43
CA LEU A 165 -13.92 10.26 -4.71
C LEU A 165 -15.08 10.35 -5.67
N GLN A 166 -15.33 11.53 -6.24
CA GLN A 166 -16.48 11.73 -7.13
C GLN A 166 -16.11 12.27 -8.52
N THR A 167 -17.00 12.07 -9.51
CA THR A 167 -16.74 12.57 -10.86
C THR A 167 -16.92 14.09 -10.92
N LYS A 168 -16.12 14.76 -11.75
CA LYS A 168 -16.25 16.21 -11.94
C LYS A 168 -17.21 16.51 -13.07
N GLU A 169 -17.18 15.69 -14.15
CA GLU A 169 -18.06 15.87 -15.30
C GLU A 169 -18.93 14.62 -15.55
N GLU A 170 -19.93 14.74 -16.43
CA GLU A 170 -20.77 13.61 -16.79
C GLU A 170 -19.99 12.68 -17.71
N VAL A 171 -19.96 11.39 -17.36
CA VAL A 171 -19.21 10.38 -18.12
C VAL A 171 -20.16 9.32 -18.64
N GLN A 172 -20.02 8.95 -19.91
CA GLN A 172 -20.84 7.91 -20.54
C GLN A 172 -19.98 6.67 -20.69
N ILE A 173 -20.18 5.67 -19.83
CA ILE A 173 -19.41 4.44 -19.91
C ILE A 173 -20.29 3.34 -20.43
N THR A 174 -19.85 2.64 -21.49
CA THR A 174 -20.61 1.55 -22.06
C THR A 174 -20.17 0.21 -21.48
N GLU A 175 -21.13 -0.69 -21.26
CA GLU A 175 -20.88 -2.03 -20.72
C GLU A 175 -21.07 -3.08 -21.82
N VAL A 176 -20.13 -4.02 -21.97
CA VAL A 176 -20.24 -5.08 -22.96
C VAL A 176 -20.36 -6.41 -22.21
N HIS A 177 -21.51 -7.09 -22.39
CA HIS A 177 -21.77 -8.35 -21.70
C HIS A 177 -21.25 -9.56 -22.48
N SER A 178 -20.48 -10.42 -21.79
CA SER A 178 -19.90 -11.62 -22.40
C SER A 178 -20.92 -12.71 -22.65
N GLN A 179 -21.31 -12.87 -23.92
CA GLN A 179 -22.26 -13.81 -24.50
C GLN A 179 -23.55 -14.09 -23.66
N GLU A 180 -23.49 -14.98 -22.62
CA GLU A 180 -24.59 -15.40 -21.77
C GLU A 180 -25.46 -16.46 -22.46
N GLY A 181 -25.92 -17.43 -21.69
CA GLY A 181 -26.71 -18.55 -22.21
C GLY A 181 -28.08 -18.18 -22.75
N PRO A 182 -28.69 -19.08 -23.53
CA PRO A 182 -30.03 -18.78 -24.09
C PRO A 182 -31.15 -18.66 -23.07
N GLY A 183 -30.97 -19.28 -21.89
CA GLY A 183 -31.92 -19.25 -20.79
C GLY A 183 -31.83 -17.97 -19.98
N ALA A 184 -30.62 -17.45 -19.80
CA ALA A 184 -30.41 -16.18 -19.10
C ALA A 184 -30.86 -15.00 -19.96
N LEU A 185 -30.72 -15.13 -21.30
CA LEU A 185 -31.17 -14.11 -22.24
C LEU A 185 -32.70 -14.13 -22.36
N CYS A 186 -33.31 -15.33 -22.35
CA CYS A 186 -34.76 -15.51 -22.41
C CYS A 186 -35.46 -15.01 -21.13
N LEU A 187 -34.76 -15.06 -19.99
CA LEU A 187 -35.23 -14.55 -18.70
C LEU A 187 -35.51 -13.04 -18.84
N LYS A 188 -34.62 -12.30 -19.55
CA LYS A 188 -34.79 -10.87 -19.81
C LYS A 188 -35.51 -10.61 -21.17
N GLY A 189 -34.77 -10.60 -22.30
CA GLY A 189 -35.34 -10.41 -23.63
C GLY A 189 -35.98 -9.05 -23.84
N GLN A 192 -31.32 -2.22 -26.23
CA GLN A 192 -31.07 -3.40 -25.41
C GLN A 192 -30.46 -4.55 -26.22
N SER A 193 -29.17 -4.77 -26.00
CA SER A 193 -28.35 -5.83 -26.61
C SER A 193 -27.10 -6.07 -25.70
N ARG A 194 -25.93 -6.50 -26.24
CA ARG A 194 -24.73 -6.69 -25.41
C ARG A 194 -24.15 -5.34 -24.97
N LYS A 195 -24.23 -4.31 -25.84
CA LYS A 195 -23.69 -2.99 -25.53
C LYS A 195 -24.71 -2.06 -24.87
N LYS A 196 -24.55 -1.83 -23.56
CA LYS A 196 -25.43 -0.97 -22.77
C LYS A 196 -24.81 0.41 -22.61
N MET A 197 -25.59 1.47 -22.87
CA MET A 197 -25.09 2.83 -22.68
C MET A 197 -25.47 3.34 -21.29
N VAL A 198 -24.49 3.35 -20.38
CA VAL A 198 -24.74 3.82 -19.02
C VAL A 198 -24.25 5.26 -18.88
N THR A 199 -25.12 6.16 -18.41
CA THR A 199 -24.72 7.55 -18.24
C THR A 199 -24.57 7.90 -16.75
N ILE A 200 -23.34 8.29 -16.38
CA ILE A 200 -22.94 8.66 -15.03
C ILE A 200 -22.91 10.18 -14.95
N PRO A 201 -23.77 10.78 -14.12
CA PRO A 201 -23.80 12.25 -14.03
C PRO A 201 -22.63 12.85 -13.25
N ALA A 202 -22.42 14.17 -13.39
CA ALA A 202 -21.36 14.86 -12.68
C ALA A 202 -21.67 14.87 -11.17
N GLY A 203 -20.62 14.69 -10.36
CA GLY A 203 -20.76 14.65 -8.91
C GLY A 203 -21.18 13.31 -8.36
N SER A 204 -20.90 12.22 -9.10
CA SER A 204 -21.26 10.88 -8.66
C SER A 204 -20.18 10.24 -7.79
N ILE A 205 -20.53 9.78 -6.60
CA ILE A 205 -19.59 9.14 -5.70
C ILE A 205 -19.18 7.78 -6.26
N LEU A 206 -17.88 7.59 -6.51
CA LEU A 206 -17.32 6.35 -7.02
C LEU A 206 -16.69 5.52 -5.91
N ALA A 207 -16.11 6.17 -4.89
CA ALA A 207 -15.46 5.49 -3.77
C ALA A 207 -15.55 6.38 -2.52
N PHE A 208 -15.31 5.83 -1.32
CA PHE A 208 -15.44 6.60 -0.08
C PHE A 208 -14.60 6.04 1.06
N ARG A 209 -14.30 6.87 2.05
CA ARG A 209 -13.57 6.45 3.25
C ARG A 209 -14.51 6.65 4.44
N VAL A 210 -14.54 5.69 5.37
CA VAL A 210 -15.41 5.79 6.54
C VAL A 210 -14.60 5.89 7.84
N ALA A 211 -15.26 6.34 8.91
CA ALA A 211 -14.67 6.43 10.25
C ALA A 211 -15.75 5.95 11.21
N GLN A 212 -15.44 4.97 12.06
CA GLN A 212 -16.43 4.45 13.00
C GLN A 212 -16.68 5.41 14.10
N LEU A 213 -17.94 5.78 14.33
CA LEU A 213 -18.25 6.66 15.44
C LEU A 213 -18.77 5.85 16.63
N LEU A 214 -18.33 6.21 17.84
CA LEU A 214 -18.70 5.53 19.08
C LEU A 214 -19.63 6.45 19.86
N ILE A 215 -20.91 6.07 19.96
CA ILE A 215 -21.86 6.90 20.66
C ILE A 215 -22.34 6.26 21.97
N GLY A 216 -22.20 7.02 23.05
CA GLY A 216 -22.60 6.62 24.39
C GLY A 216 -23.07 7.85 25.13
N SER A 217 -22.37 8.23 26.20
CA SER A 217 -22.68 9.46 26.93
C SER A 217 -22.24 10.70 26.09
N LYS A 218 -21.16 10.53 25.29
CA LYS A 218 -20.59 11.49 24.34
C LYS A 218 -20.33 10.73 23.02
N TRP A 219 -20.24 11.45 21.90
CA TRP A 219 -19.95 10.83 20.61
C TRP A 219 -18.48 11.06 20.24
N ASP A 220 -17.84 10.06 19.62
CA ASP A 220 -16.43 10.17 19.25
C ASP A 220 -16.21 9.57 17.88
N ILE A 221 -15.29 10.14 17.08
CA ILE A 221 -15.00 9.62 15.74
C ILE A 221 -13.62 8.92 15.68
N LEU A 222 -13.59 7.66 15.25
CA LEU A 222 -12.35 6.89 15.13
C LEU A 222 -11.74 7.08 13.76
N LEU A 223 -10.83 8.04 13.61
CA LEU A 223 -10.15 8.27 12.34
C LEU A 223 -9.13 7.15 12.11
N VAL A 224 -8.40 6.74 13.15
CA VAL A 224 -7.49 5.60 13.07
C VAL A 224 -8.36 4.43 13.53
N SER A 225 -8.79 3.58 12.59
CA SER A 225 -9.70 2.49 12.91
C SER A 225 -9.15 1.44 13.89
N ASP A 226 -10.05 0.90 14.70
CA ASP A 226 -9.80 -0.16 15.67
C ASP A 226 -10.85 -1.22 15.37
N GLU A 227 -10.42 -2.41 14.92
CA GLU A 227 -11.32 -3.50 14.54
C GLU A 227 -12.05 -4.14 15.72
N LYS A 228 -11.49 -4.02 16.94
CA LYS A 228 -12.12 -4.58 18.13
C LYS A 228 -13.22 -3.68 18.73
N GLN A 229 -13.38 -2.45 18.24
CA GLN A 229 -14.36 -1.53 18.80
C GLN A 229 -15.80 -1.73 18.34
N ARG A 230 -16.75 -1.50 19.27
CA ARG A 230 -18.19 -1.58 19.03
C ARG A 230 -18.76 -0.16 19.22
N THR A 231 -19.67 0.29 18.34
CA THR A 231 -20.25 1.64 18.41
C THR A 231 -21.03 1.87 19.72
N PHE A 232 -21.87 0.91 20.09
CA PHE A 232 -22.66 0.99 21.32
C PHE A 232 -22.03 0.05 22.35
N GLU A 233 -21.63 0.57 23.52
CA GLU A 233 -21.01 -0.25 24.56
C GLU A 233 -22.06 -0.93 25.46
N PRO A 234 -22.20 -2.26 25.37
CA PRO A 234 -23.22 -2.94 26.20
C PRO A 234 -22.77 -3.21 27.64
N ALA A 252 -6.18 -14.45 13.18
CA ALA A 252 -4.93 -14.75 12.50
C ALA A 252 -4.91 -16.19 11.96
N ASP A 253 -4.12 -16.41 10.88
CA ASP A 253 -3.86 -17.65 10.12
C ASP A 253 -5.11 -18.50 9.77
N PHE A 254 -4.95 -19.48 8.87
CA PHE A 254 -6.03 -20.36 8.44
C PHE A 254 -6.53 -21.25 9.57
N GLN A 255 -5.65 -21.70 10.48
CA GLN A 255 -6.09 -22.55 11.60
C GLN A 255 -7.15 -21.87 12.48
N GLY A 256 -6.99 -20.57 12.76
CA GLY A 256 -7.95 -19.83 13.55
C GLY A 256 -9.29 -19.67 12.85
N LEU A 257 -9.24 -19.52 11.52
CA LEU A 257 -10.41 -19.38 10.65
C LEU A 257 -11.17 -20.71 10.62
N TYR A 258 -10.46 -21.82 10.49
CA TYR A 258 -11.07 -23.15 10.47
C TYR A 258 -11.76 -23.42 11.80
N ALA A 259 -11.11 -23.11 12.93
CA ALA A 259 -11.66 -23.34 14.27
C ALA A 259 -12.93 -22.53 14.51
N GLU A 260 -12.96 -21.29 14.00
CA GLU A 260 -14.11 -20.41 14.15
C GLU A 260 -15.32 -20.94 13.37
N VAL A 261 -15.10 -21.42 12.14
CA VAL A 261 -16.18 -21.96 11.32
C VAL A 261 -16.63 -23.33 11.86
N LYS A 262 -15.69 -24.17 12.30
CA LYS A 262 -15.97 -25.50 12.86
C LYS A 262 -16.77 -25.39 14.15
N ALA A 263 -16.54 -24.35 14.95
CA ALA A 263 -17.30 -24.13 16.18
C ALA A 263 -18.78 -23.85 15.85
N CYS A 264 -19.01 -23.07 14.79
CA CYS A 264 -20.34 -22.71 14.32
C CYS A 264 -21.05 -23.94 13.71
N SER A 265 -20.30 -24.76 12.96
CA SER A 265 -20.79 -25.99 12.33
C SER A 265 -21.17 -27.04 13.36
N SER A 266 -20.46 -27.10 14.50
CA SER A 266 -20.75 -28.05 15.58
C SER A 266 -22.15 -27.82 16.15
N GLU A 267 -22.57 -26.56 16.25
CA GLU A 267 -23.90 -26.21 16.74
C GLU A 267 -24.98 -26.65 15.75
N LEU A 268 -24.76 -26.40 14.44
CA LEU A 268 -25.69 -26.77 13.38
C LEU A 268 -25.83 -28.29 13.19
N GLU A 269 -24.76 -29.04 13.47
CA GLU A 269 -24.78 -30.49 13.36
C GLU A 269 -25.63 -31.19 14.43
N SER A 270 -26.02 -30.48 15.51
CA SER A 270 -26.84 -31.07 16.57
C SER A 270 -28.36 -31.04 16.28
N LEU A 271 -28.79 -30.34 15.21
CA LEU A 271 -30.19 -30.19 14.81
C LEU A 271 -30.81 -31.40 14.09
N GLU A 272 -32.16 -31.50 14.11
CA GLU A 272 -32.92 -32.56 13.44
C GLU A 272 -32.71 -32.51 11.92
N MET A 273 -32.80 -33.67 11.23
CA MET A 273 -32.59 -33.69 9.78
C MET A 273 -33.69 -32.97 9.00
N GLU A 274 -34.93 -32.96 9.51
CA GLU A 274 -36.03 -32.26 8.84
C GLU A 274 -35.91 -30.75 9.05
N LEU A 275 -35.39 -30.31 10.20
CA LEU A 275 -35.20 -28.88 10.46
C LEU A 275 -33.98 -28.33 9.71
N ARG A 276 -32.92 -29.15 9.58
CA ARG A 276 -31.73 -28.76 8.83
C ARG A 276 -32.06 -28.63 7.35
N GLN A 277 -32.87 -29.54 6.80
CA GLN A 277 -33.25 -29.50 5.40
C GLN A 277 -34.19 -28.36 5.06
N GLN A 278 -35.09 -28.00 5.99
CA GLN A 278 -36.00 -26.88 5.77
C GLN A 278 -35.22 -25.56 5.88
N ILE A 279 -34.22 -25.48 6.78
CA ILE A 279 -33.38 -24.30 6.91
C ILE A 279 -32.50 -24.14 5.66
N LEU A 280 -32.01 -25.26 5.09
CA LEU A 280 -31.19 -25.28 3.89
C LEU A 280 -31.98 -24.88 2.63
N VAL A 281 -33.17 -25.48 2.39
CA VAL A 281 -33.96 -25.15 1.21
C VAL A 281 -34.47 -23.70 1.26
N ASN A 282 -34.79 -23.21 2.46
CA ASN A 282 -35.25 -21.83 2.61
C ASN A 282 -34.11 -20.81 2.48
N ILE A 283 -32.86 -21.22 2.76
CA ILE A 283 -31.70 -20.36 2.53
C ILE A 283 -31.54 -20.15 1.01
N GLY A 284 -31.72 -21.22 0.22
CA GLY A 284 -31.66 -21.15 -1.24
C GLY A 284 -32.72 -20.24 -1.85
N LYS A 285 -33.83 -20.05 -1.14
CA LYS A 285 -34.89 -19.16 -1.59
C LYS A 285 -34.60 -17.72 -1.18
N ILE A 286 -34.07 -17.49 0.05
CA ILE A 286 -33.72 -16.12 0.46
C ILE A 286 -32.47 -15.61 -0.29
N LEU A 287 -31.66 -16.50 -0.90
CA LEU A 287 -30.53 -16.08 -1.72
C LEU A 287 -31.00 -15.37 -3.01
N GLN A 288 -32.25 -15.63 -3.45
CA GLN A 288 -32.83 -14.96 -4.59
C GLN A 288 -33.26 -13.52 -4.24
N ASP A 289 -33.67 -13.29 -2.97
CA ASP A 289 -34.14 -11.98 -2.51
C ASP A 289 -33.26 -11.43 -1.39
N GLN A 290 -32.32 -10.54 -1.74
CA GLN A 290 -31.41 -9.92 -0.78
C GLN A 290 -32.15 -9.17 0.33
N PRO A 291 -33.14 -8.29 0.04
CA PRO A 291 -33.89 -7.64 1.14
C PRO A 291 -34.59 -8.60 2.10
N SER A 292 -34.95 -9.82 1.65
CA SER A 292 -35.57 -10.81 2.53
C SER A 292 -34.53 -11.30 3.53
N MET A 293 -33.30 -11.55 3.07
CA MET A 293 -32.18 -12.00 3.87
C MET A 293 -31.72 -10.90 4.85
N GLU A 294 -31.79 -9.66 4.41
CA GLU A 294 -31.40 -8.46 5.14
C GLU A 294 -32.30 -8.24 6.34
N ALA A 295 -33.62 -8.47 6.15
CA ALA A 295 -34.64 -8.30 7.19
C ALA A 295 -34.55 -9.40 8.24
N LEU A 296 -34.28 -10.63 7.80
CA LEU A 296 -34.11 -11.79 8.68
C LEU A 296 -32.87 -11.61 9.56
N GLU A 297 -31.80 -11.02 9.01
CA GLU A 297 -30.58 -10.72 9.72
C GLU A 297 -30.82 -9.69 10.83
N ALA A 298 -31.63 -8.67 10.58
CA ALA A 298 -31.94 -7.66 11.57
C ALA A 298 -32.81 -8.26 12.70
N SER A 299 -33.74 -9.16 12.34
CA SER A 299 -34.60 -9.82 13.32
C SER A 299 -33.78 -10.70 14.27
N LEU A 300 -32.77 -11.41 13.73
CA LEU A 300 -31.89 -12.26 14.52
C LEU A 300 -30.94 -11.45 15.38
N GLY A 301 -30.41 -10.36 14.83
CA GLY A 301 -29.48 -9.48 15.54
C GLY A 301 -30.14 -8.78 16.70
N GLN A 302 -31.36 -8.26 16.48
CA GLN A 302 -32.10 -7.59 17.55
C GLN A 302 -32.53 -8.61 18.61
N GLY A 303 -32.93 -9.80 18.19
CA GLY A 303 -33.32 -10.87 19.12
C GLY A 303 -32.15 -11.36 19.95
N LEU A 304 -30.94 -11.37 19.40
CA LEU A 304 -29.77 -11.81 20.14
C LEU A 304 -29.25 -10.72 21.07
N CYS A 305 -29.31 -9.45 20.65
CA CYS A 305 -28.83 -8.36 21.48
C CYS A 305 -29.83 -7.87 22.51
N SER A 306 -31.12 -8.14 22.31
CA SER A 306 -32.14 -7.67 23.24
C SER A 306 -32.77 -8.82 24.02
N GLY A 307 -33.01 -9.94 23.35
CA GLY A 307 -33.59 -11.11 23.98
C GLY A 307 -35.10 -11.04 24.15
N GLY A 308 -35.75 -10.25 23.31
CA GLY A 308 -37.20 -10.11 23.35
C GLY A 308 -37.89 -10.93 22.27
N GLN A 309 -39.23 -10.96 22.31
CA GLN A 309 -39.99 -11.70 21.29
C GLN A 309 -39.83 -11.06 19.92
N VAL A 310 -39.55 -11.90 18.90
CA VAL A 310 -39.37 -11.38 17.55
C VAL A 310 -40.65 -11.53 16.72
N GLU A 311 -40.97 -10.50 15.93
CA GLU A 311 -42.15 -10.49 15.09
C GLU A 311 -41.98 -11.47 13.93
N PRO A 312 -43.01 -12.30 13.68
CA PRO A 312 -42.91 -13.25 12.57
C PRO A 312 -42.73 -12.56 11.21
N LEU A 313 -41.91 -13.15 10.35
CA LEU A 313 -41.65 -12.59 9.03
C LEU A 313 -42.44 -13.32 7.93
N ASP A 314 -42.45 -12.75 6.73
CA ASP A 314 -43.13 -13.36 5.59
C ASP A 314 -42.11 -14.07 4.69
N GLY A 315 -42.59 -15.04 3.91
CA GLY A 315 -41.75 -15.77 2.97
C GLY A 315 -40.75 -16.71 3.59
N PRO A 316 -39.73 -17.10 2.80
CA PRO A 316 -38.71 -18.03 3.32
C PRO A 316 -37.96 -17.50 4.54
N ALA A 317 -37.90 -16.17 4.71
CA ALA A 317 -37.28 -15.56 5.88
C ALA A 317 -38.10 -15.95 7.14
N GLY A 318 -39.42 -15.94 7.02
CA GLY A 318 -40.32 -16.32 8.10
C GLY A 318 -40.21 -17.79 8.46
N CYS A 319 -40.07 -18.67 7.46
CA CYS A 319 -39.91 -20.11 7.68
C CYS A 319 -38.64 -20.42 8.46
N ILE A 320 -37.53 -19.73 8.14
CA ILE A 320 -36.25 -19.91 8.84
C ILE A 320 -36.36 -19.39 10.28
N LEU A 321 -37.05 -18.27 10.46
CA LEU A 321 -37.24 -17.65 11.77
C LEU A 321 -38.07 -18.54 12.68
N GLU A 322 -39.08 -19.24 12.10
CA GLU A 322 -39.95 -20.17 12.83
C GLU A 322 -39.17 -21.37 13.37
N CYS A 323 -38.14 -21.80 12.66
CA CYS A 323 -37.31 -22.92 13.09
C CYS A 323 -36.48 -22.53 14.33
N LEU A 324 -35.96 -21.30 14.34
CA LEU A 324 -35.08 -20.80 15.40
C LEU A 324 -35.81 -20.20 16.60
N VAL A 325 -37.14 -20.14 16.59
CA VAL A 325 -37.87 -19.47 17.66
C VAL A 325 -38.73 -20.41 18.55
N LEU A 326 -39.08 -19.93 19.76
CA LEU A 326 -39.90 -20.67 20.75
C LEU A 326 -41.41 -20.42 20.58
N ASP A 327 -42.23 -21.12 21.38
CA ASP A 327 -43.69 -20.94 21.42
C ASP A 327 -44.07 -19.55 21.99
N SER A 328 -43.15 -18.91 22.74
CA SER A 328 -43.34 -17.60 23.37
C SER A 328 -42.96 -16.43 22.44
N GLY A 329 -42.13 -16.69 21.44
CA GLY A 329 -41.71 -15.66 20.50
C GLY A 329 -40.23 -15.31 20.61
N GLU A 330 -39.56 -15.78 21.68
CA GLU A 330 -38.14 -15.50 21.88
C GLU A 330 -37.28 -16.53 21.14
N LEU A 331 -36.19 -16.07 20.52
CA LEU A 331 -35.28 -16.95 19.80
C LEU A 331 -34.52 -17.89 20.73
N VAL A 332 -34.09 -19.05 20.21
CA VAL A 332 -33.27 -19.96 20.99
C VAL A 332 -31.85 -19.54 20.64
N PRO A 333 -31.09 -19.02 21.61
CA PRO A 333 -29.75 -18.50 21.31
C PRO A 333 -28.80 -19.48 20.63
N GLU A 334 -28.84 -20.76 21.03
CA GLU A 334 -28.00 -21.81 20.46
C GLU A 334 -28.30 -22.06 18.98
N LEU A 335 -29.55 -21.79 18.55
CA LEU A 335 -29.98 -21.99 17.18
C LEU A 335 -29.81 -20.73 16.34
N ALA A 336 -30.17 -19.58 16.90
CA ALA A 336 -30.12 -18.30 16.20
C ALA A 336 -28.72 -17.78 15.92
N ALA A 337 -27.78 -17.96 16.85
CA ALA A 337 -26.42 -17.47 16.68
C ALA A 337 -25.66 -18.08 15.49
N PRO A 338 -25.65 -19.42 15.28
CA PRO A 338 -24.96 -19.96 14.10
C PRO A 338 -25.63 -19.58 12.79
N ILE A 339 -26.96 -19.45 12.78
CA ILE A 339 -27.68 -19.03 11.58
C ILE A 339 -27.35 -17.56 11.27
N PHE A 340 -27.22 -16.71 12.30
CA PHE A 340 -26.85 -15.31 12.15
C PHE A 340 -25.45 -15.20 11.51
N TYR A 341 -24.53 -16.07 11.94
CA TYR A 341 -23.17 -16.11 11.39
C TYR A 341 -23.22 -16.51 9.91
N LEU A 342 -23.93 -17.61 9.58
CA LEU A 342 -24.05 -18.08 8.21
C LEU A 342 -24.67 -17.03 7.27
N LEU A 343 -25.73 -16.34 7.71
CA LEU A 343 -26.38 -15.29 6.91
C LEU A 343 -25.47 -14.07 6.72
N GLY A 344 -24.65 -13.78 7.73
CA GLY A 344 -23.68 -12.69 7.66
C GLY A 344 -22.59 -13.00 6.65
N ALA A 345 -22.16 -14.27 6.58
CA ALA A 345 -21.16 -14.71 5.60
C ALA A 345 -21.72 -14.67 4.19
N LEU A 346 -23.02 -14.95 4.01
CA LEU A 346 -23.65 -14.88 2.70
C LEU A 346 -23.81 -13.44 2.25
N ALA A 347 -24.08 -12.52 3.18
CA ALA A 347 -24.24 -11.10 2.90
C ALA A 347 -22.98 -10.46 2.30
N VAL A 348 -21.80 -11.00 2.64
CA VAL A 348 -20.51 -10.52 2.12
C VAL A 348 -20.37 -10.86 0.63
N LEU A 349 -20.88 -12.03 0.23
CA LEU A 349 -20.81 -12.50 -1.15
C LEU A 349 -21.61 -11.65 -2.14
N SER A 350 -21.22 -11.69 -3.42
CA SER A 350 -21.88 -10.94 -4.47
C SER A 350 -23.19 -11.62 -4.93
N GLU A 351 -24.04 -10.92 -5.70
CA GLU A 351 -25.31 -11.46 -6.21
C GLU A 351 -25.07 -12.73 -7.00
N THR A 352 -24.09 -12.69 -7.92
CA THR A 352 -23.67 -13.82 -8.76
C THR A 352 -23.24 -15.03 -7.93
N GLN A 353 -22.46 -14.80 -6.88
CA GLN A 353 -22.00 -15.86 -5.98
C GLN A 353 -23.18 -16.48 -5.24
N GLN A 354 -24.13 -15.66 -4.81
CA GLN A 354 -25.32 -16.13 -4.09
C GLN A 354 -26.23 -16.96 -4.98
N GLN A 355 -26.41 -16.54 -6.24
CA GLN A 355 -27.23 -17.29 -7.19
C GLN A 355 -26.58 -18.65 -7.57
N LEU A 356 -25.24 -18.74 -7.49
CA LEU A 356 -24.55 -20.00 -7.77
C LEU A 356 -24.74 -20.95 -6.61
N LEU A 357 -24.58 -20.47 -5.38
CA LEU A 357 -24.76 -21.31 -4.19
C LEU A 357 -26.21 -21.77 -4.06
N ALA A 358 -27.18 -20.94 -4.46
CA ALA A 358 -28.60 -21.31 -4.40
C ALA A 358 -28.96 -22.44 -5.38
N LYS A 359 -28.15 -22.65 -6.43
CA LYS A 359 -28.38 -23.71 -7.40
C LYS A 359 -27.65 -24.98 -6.94
N ALA A 360 -26.39 -24.83 -6.53
CA ALA A 360 -25.54 -25.95 -6.11
C ALA A 360 -25.62 -26.21 -4.60
N LEU A 361 -26.84 -26.39 -4.07
CA LEU A 361 -27.02 -26.63 -2.65
C LEU A 361 -26.85 -28.09 -2.23
N GLU A 362 -26.66 -29.03 -3.18
CA GLU A 362 -26.44 -30.43 -2.81
C GLU A 362 -25.06 -30.58 -2.13
N THR A 363 -24.95 -31.47 -1.13
CA THR A 363 -23.69 -31.66 -0.40
C THR A 363 -22.59 -32.34 -1.27
N THR A 364 -22.91 -32.74 -2.52
CA THR A 364 -21.96 -33.39 -3.42
C THR A 364 -20.99 -32.37 -4.08
N VAL A 365 -21.52 -31.36 -4.78
CA VAL A 365 -20.68 -30.33 -5.41
C VAL A 365 -20.14 -29.34 -4.37
N LEU A 366 -20.92 -29.08 -3.31
CA LEU A 366 -20.60 -28.19 -2.20
C LEU A 366 -19.29 -28.61 -1.51
N SER A 367 -19.08 -29.92 -1.33
CA SER A 367 -17.89 -30.46 -0.67
C SER A 367 -16.63 -30.26 -1.50
N LYS A 368 -16.75 -30.34 -2.83
CA LYS A 368 -15.61 -30.15 -3.73
C LYS A 368 -15.25 -28.67 -3.85
N GLN A 369 -16.26 -27.80 -3.89
CA GLN A 369 -16.02 -26.37 -3.97
C GLN A 369 -15.37 -25.88 -2.67
N LEU A 370 -15.81 -26.40 -1.52
CA LEU A 370 -15.26 -26.06 -0.21
C LEU A 370 -13.78 -26.45 -0.13
N GLU A 371 -13.44 -27.63 -0.66
CA GLU A 371 -12.06 -28.11 -0.65
C GLU A 371 -11.13 -27.26 -1.48
N LEU A 372 -11.64 -26.70 -2.59
CA LEU A 372 -10.83 -25.83 -3.44
C LEU A 372 -10.53 -24.51 -2.72
N VAL A 373 -11.57 -23.91 -2.11
CA VAL A 373 -11.42 -22.66 -1.36
C VAL A 373 -10.50 -22.87 -0.15
N LYS A 374 -10.64 -24.02 0.53
CA LYS A 374 -9.81 -24.39 1.68
C LYS A 374 -8.34 -24.43 1.28
N HIS A 375 -8.05 -24.97 0.09
CA HIS A 375 -6.69 -25.06 -0.41
C HIS A 375 -6.12 -23.70 -0.76
N VAL A 376 -6.93 -22.85 -1.44
CA VAL A 376 -6.54 -21.49 -1.82
C VAL A 376 -6.16 -20.68 -0.57
N LEU A 377 -7.01 -20.73 0.45
CA LEU A 377 -6.77 -20.00 1.69
C LEU A 377 -5.57 -20.55 2.44
N GLU A 378 -5.45 -21.87 2.53
CA GLU A 378 -4.35 -22.52 3.24
C GLU A 378 -3.00 -22.22 2.60
N GLN A 379 -2.96 -22.13 1.26
CA GLN A 379 -1.71 -21.85 0.56
C GLN A 379 -1.39 -20.35 0.42
N SER A 380 -2.35 -19.46 0.71
CA SER A 380 -2.13 -18.03 0.59
C SER A 380 -1.53 -17.36 1.81
N THR A 381 -1.22 -18.13 2.87
CA THR A 381 -0.63 -17.56 4.08
C THR A 381 0.88 -17.36 3.87
N PRO A 382 1.43 -16.16 4.18
CA PRO A 382 0.76 -14.97 4.75
C PRO A 382 -0.16 -14.25 3.78
N TRP A 383 -1.32 -13.79 4.26
CA TRP A 383 -2.35 -13.13 3.44
C TRP A 383 -1.96 -11.74 2.94
N GLN A 384 -0.99 -11.10 3.60
CA GLN A 384 -0.55 -9.75 3.26
C GLN A 384 0.24 -9.68 1.95
N GLU A 385 0.83 -10.80 1.50
CA GLU A 385 1.59 -10.78 0.27
C GLU A 385 0.79 -11.35 -0.89
N GLN A 386 1.08 -10.91 -2.12
CA GLN A 386 0.42 -11.44 -3.30
C GLN A 386 1.15 -12.72 -3.64
N SER A 387 0.45 -13.86 -3.67
CA SER A 387 1.09 -15.14 -3.94
C SER A 387 0.27 -15.99 -4.91
N SER A 388 0.94 -16.81 -5.71
CA SER A 388 0.25 -17.67 -6.68
C SER A 388 -0.04 -19.03 -6.07
N VAL A 389 -1.27 -19.55 -6.26
CA VAL A 389 -1.65 -20.86 -5.72
C VAL A 389 -2.01 -21.81 -6.84
N SER A 390 -1.41 -23.01 -6.82
CA SER A 390 -1.63 -24.07 -7.78
C SER A 390 -2.67 -25.05 -7.23
N LEU A 391 -3.77 -25.23 -7.96
CA LEU A 391 -4.88 -26.10 -7.59
C LEU A 391 -4.59 -27.55 -7.99
N PRO A 392 -4.98 -28.52 -7.15
CA PRO A 392 -4.68 -29.93 -7.45
C PRO A 392 -5.47 -30.54 -8.62
N THR A 393 -5.01 -31.72 -9.09
CA THR A 393 -5.57 -32.50 -10.20
C THR A 393 -7.09 -32.75 -10.12
N VAL A 394 -7.70 -33.16 -11.28
CA VAL A 394 -9.13 -33.47 -11.52
C VAL A 394 -10.04 -32.56 -10.66
N LEU A 395 -10.09 -31.30 -11.09
CA LEU A 395 -10.82 -30.26 -10.39
C LEU A 395 -12.33 -30.54 -10.27
N LEU A 396 -13.02 -30.85 -11.38
CA LEU A 396 -14.46 -31.14 -11.32
C LEU A 396 -14.95 -32.15 -12.34
N GLY A 397 -14.07 -33.05 -12.78
CA GLY A 397 -14.42 -34.09 -13.74
C GLY A 397 -14.50 -33.61 -15.18
N ASP A 398 -15.13 -32.45 -15.41
CA ASP A 398 -15.30 -31.86 -16.73
C ASP A 398 -14.07 -30.99 -17.11
N CYS A 399 -14.00 -29.68 -16.71
CA CYS A 399 -12.85 -28.85 -17.02
C CYS A 399 -12.89 -27.46 -16.35
N TRP A 400 -11.69 -26.97 -16.03
CA TRP A 400 -11.46 -25.68 -15.38
C TRP A 400 -11.44 -24.56 -16.41
N ASP A 401 -12.56 -23.83 -16.52
CA ASP A 401 -12.69 -22.73 -17.47
C ASP A 401 -13.60 -21.60 -16.94
N GLU A 402 -13.80 -20.50 -17.69
CA GLU A 402 -14.66 -19.38 -17.28
C GLU A 402 -16.08 -19.79 -16.95
N LYS A 403 -16.59 -20.82 -17.62
CA LYS A 403 -17.95 -21.33 -17.41
C LYS A 403 -18.09 -22.26 -16.18
N ASN A 404 -16.97 -22.65 -15.55
CA ASN A 404 -16.99 -23.52 -14.37
C ASN A 404 -17.55 -22.75 -13.18
N PRO A 405 -18.45 -23.35 -12.40
CA PRO A 405 -19.01 -22.65 -11.22
C PRO A 405 -17.98 -22.29 -10.17
N THR A 406 -16.96 -23.16 -9.99
CA THR A 406 -15.89 -22.88 -9.02
C THR A 406 -14.99 -21.74 -9.50
N TRP A 407 -14.85 -21.55 -10.81
CA TRP A 407 -14.08 -20.44 -11.36
C TRP A 407 -14.83 -19.14 -11.06
N VAL A 408 -16.14 -19.09 -11.32
CA VAL A 408 -16.95 -17.89 -11.07
C VAL A 408 -17.01 -17.53 -9.59
N LEU A 409 -17.12 -18.52 -8.69
CA LEU A 409 -17.15 -18.26 -7.26
C LEU A 409 -15.82 -17.64 -6.80
N LEU A 410 -14.71 -18.11 -7.35
CA LEU A 410 -13.39 -17.59 -7.00
C LEU A 410 -13.07 -16.25 -7.64
N GLU A 411 -13.53 -16.02 -8.87
CA GLU A 411 -13.30 -14.76 -9.58
C GLU A 411 -14.09 -13.61 -8.94
N GLU A 412 -15.30 -13.90 -8.44
CA GLU A 412 -16.12 -12.92 -7.74
C GLU A 412 -15.54 -12.51 -6.37
N CYS A 413 -14.50 -13.22 -5.88
CA CYS A 413 -13.78 -12.87 -4.67
C CYS A 413 -12.63 -11.88 -4.93
N GLY A 414 -12.48 -11.38 -6.15
CA GLY A 414 -11.40 -10.48 -6.51
C GLY A 414 -10.11 -11.19 -6.92
N LEU A 415 -10.14 -12.52 -7.00
CA LEU A 415 -8.98 -13.32 -7.36
C LEU A 415 -8.86 -13.37 -8.87
N ARG A 416 -7.65 -13.14 -9.40
CA ARG A 416 -7.43 -13.21 -10.84
C ARG A 416 -7.17 -14.66 -11.16
N LEU A 417 -8.06 -15.28 -11.97
CA LEU A 417 -7.90 -16.68 -12.30
C LEU A 417 -7.24 -16.90 -13.65
N GLN A 418 -6.72 -18.11 -13.84
CA GLN A 418 -6.05 -18.54 -15.05
C GLN A 418 -6.38 -20.01 -15.31
N VAL A 419 -6.41 -20.41 -16.59
CA VAL A 419 -6.73 -21.78 -16.99
C VAL A 419 -5.82 -22.81 -16.34
N GLU A 420 -4.50 -22.54 -16.20
CA GLU A 420 -3.59 -23.53 -15.61
C GLU A 420 -2.34 -22.98 -14.91
N SER A 421 -1.80 -23.85 -14.02
CA SER A 421 -0.59 -23.77 -13.17
C SER A 421 0.26 -22.49 -13.27
N PRO A 422 0.11 -21.53 -12.34
CA PRO A 422 -0.89 -21.49 -11.25
C PRO A 422 -2.27 -20.97 -11.68
N GLN A 423 -3.35 -21.56 -11.15
CA GLN A 423 -4.69 -21.15 -11.53
C GLN A 423 -5.20 -19.93 -10.79
N VAL A 424 -4.75 -19.71 -9.56
CA VAL A 424 -5.25 -18.57 -8.78
C VAL A 424 -4.14 -17.56 -8.44
N HIS A 425 -4.51 -16.29 -8.38
CA HIS A 425 -3.59 -15.24 -7.99
C HIS A 425 -4.17 -14.55 -6.76
N TRP A 426 -3.54 -14.75 -5.61
CA TRP A 426 -4.00 -14.16 -4.36
C TRP A 426 -3.71 -12.67 -4.27
N GLU A 427 -4.71 -11.92 -3.81
CA GLU A 427 -4.60 -10.50 -3.56
C GLU A 427 -4.99 -10.31 -2.10
N PRO A 428 -4.20 -9.55 -1.33
CA PRO A 428 -4.56 -9.32 0.09
C PRO A 428 -5.98 -8.77 0.28
N THR A 429 -6.48 -7.98 -0.68
CA THR A 429 -7.82 -7.39 -0.71
C THR A 429 -8.94 -8.46 -0.74
N SER A 430 -8.63 -9.65 -1.27
CA SER A 430 -9.56 -10.77 -1.42
C SER A 430 -9.74 -11.64 -0.18
N LEU A 431 -9.22 -11.22 0.97
CA LEU A 431 -9.37 -12.00 2.19
C LEU A 431 -10.79 -11.95 2.74
N ILE A 432 -11.39 -10.75 2.83
CA ILE A 432 -12.77 -10.60 3.31
C ILE A 432 -13.77 -11.50 2.52
N PRO A 433 -13.83 -11.45 1.17
CA PRO A 433 -14.79 -12.31 0.46
C PRO A 433 -14.44 -13.80 0.41
N THR A 434 -13.15 -14.17 0.41
CA THR A 434 -12.77 -15.59 0.34
C THR A 434 -13.01 -16.28 1.70
N SER A 435 -12.93 -15.54 2.82
CA SER A 435 -13.23 -16.07 4.14
C SER A 435 -14.73 -16.35 4.22
N ALA A 436 -15.55 -15.43 3.70
CA ALA A 436 -17.00 -15.53 3.65
C ALA A 436 -17.43 -16.67 2.74
N LEU A 437 -16.74 -16.87 1.61
CA LEU A 437 -17.05 -17.97 0.71
C LEU A 437 -16.71 -19.31 1.35
N TYR A 438 -15.58 -19.37 2.09
CA TYR A 438 -15.18 -20.59 2.77
C TYR A 438 -16.17 -20.95 3.87
N ALA A 439 -16.54 -19.96 4.72
CA ALA A 439 -17.49 -20.16 5.82
C ALA A 439 -18.86 -20.53 5.30
N SER A 440 -19.29 -19.89 4.20
CA SER A 440 -20.58 -20.19 3.59
C SER A 440 -20.63 -21.65 3.11
N LEU A 441 -19.63 -22.08 2.32
CA LEU A 441 -19.56 -23.44 1.79
C LEU A 441 -19.47 -24.48 2.92
N PHE A 442 -18.68 -24.18 3.95
CA PHE A 442 -18.48 -25.09 5.08
C PHE A 442 -19.80 -25.31 5.82
N LEU A 443 -20.55 -24.24 6.10
CA LEU A 443 -21.81 -24.38 6.84
C LEU A 443 -22.96 -24.90 5.99
N LEU A 444 -23.00 -24.55 4.68
CA LEU A 444 -24.05 -25.04 3.80
C LEU A 444 -23.93 -26.54 3.53
N SER A 445 -22.68 -27.05 3.45
CA SER A 445 -22.48 -28.49 3.28
C SER A 445 -22.79 -29.19 4.61
N SER A 446 -22.48 -28.55 5.76
CA SER A 446 -22.79 -29.02 7.12
C SER A 446 -24.30 -29.10 7.40
N LEU A 447 -25.13 -28.42 6.57
CA LEU A 447 -26.59 -28.44 6.71
C LEU A 447 -27.17 -29.81 6.31
N GLY A 448 -26.57 -30.46 5.30
CA GLY A 448 -27.03 -31.76 4.85
C GLY A 448 -26.64 -32.09 3.42
N MET B 1 19.58 18.38 9.68
CA MET B 1 18.68 19.45 10.09
C MET B 1 17.39 19.49 9.25
N PRO B 2 16.28 20.09 9.76
CA PRO B 2 15.03 20.13 8.98
C PRO B 2 15.18 20.78 7.60
N SER B 3 16.19 21.66 7.43
CA SER B 3 16.56 22.33 6.18
C SER B 3 15.45 23.21 5.57
N ALA B 4 14.28 23.33 6.25
CA ALA B 4 13.07 24.07 5.87
C ALA B 4 12.41 23.54 4.56
N PHE B 5 13.13 23.52 3.43
CA PHE B 5 12.63 22.98 2.17
C PHE B 5 12.55 21.47 2.26
N GLU B 6 13.52 20.83 2.92
CA GLU B 6 13.52 19.37 3.10
C GLU B 6 12.31 18.95 3.93
N LYS B 7 11.96 19.73 4.97
CA LYS B 7 10.83 19.40 5.83
C LYS B 7 9.46 19.57 5.14
N VAL B 8 9.28 20.65 4.37
CA VAL B 8 8.01 20.86 3.67
C VAL B 8 7.82 19.84 2.53
N VAL B 9 8.91 19.40 1.89
CA VAL B 9 8.86 18.42 0.82
C VAL B 9 8.37 17.05 1.32
N LYS B 10 8.86 16.58 2.49
CA LYS B 10 8.47 15.27 3.05
C LYS B 10 6.99 15.20 3.43
N ASN B 11 6.46 16.28 4.00
CA ASN B 11 5.07 16.36 4.42
C ASN B 11 4.13 16.41 3.21
N VAL B 12 4.55 17.10 2.14
CA VAL B 12 3.77 17.18 0.90
C VAL B 12 3.68 15.80 0.22
N ILE B 13 4.79 15.05 0.20
CA ILE B 13 4.83 13.70 -0.37
C ILE B 13 3.86 12.78 0.40
N LYS B 14 3.87 12.88 1.74
CA LYS B 14 3.02 12.07 2.61
C LYS B 14 1.53 12.32 2.38
N GLU B 15 1.16 13.58 2.14
CA GLU B 15 -0.24 13.93 1.92
C GLU B 15 -0.72 13.54 0.53
N VAL B 16 0.10 13.76 -0.49
CA VAL B 16 -0.24 13.49 -1.88
C VAL B 16 -0.20 11.99 -2.25
N SER B 17 0.92 11.31 -1.96
CA SER B 17 1.11 9.91 -2.35
C SER B 17 0.86 8.84 -1.29
N GLY B 18 0.90 9.21 -0.01
CA GLY B 18 0.75 8.23 1.06
C GLY B 18 2.10 7.81 1.64
N SER B 19 2.10 7.11 2.79
CA SER B 19 3.33 6.69 3.49
C SER B 19 4.33 5.87 2.66
N ARG B 20 3.89 4.80 1.99
CA ARG B 20 4.80 3.98 1.18
C ARG B 20 4.96 4.49 -0.27
N GLY B 21 4.72 5.79 -0.48
CA GLY B 21 4.80 6.44 -1.78
C GLY B 21 6.12 6.27 -2.50
N ASP B 22 6.04 6.09 -3.83
CA ASP B 22 7.20 5.90 -4.71
C ASP B 22 7.75 7.24 -5.23
N LEU B 23 7.51 8.33 -4.50
CA LEU B 23 7.99 9.65 -4.89
C LEU B 23 9.29 9.91 -4.18
N ILE B 24 10.29 10.31 -4.93
CA ILE B 24 11.61 10.62 -4.40
C ILE B 24 11.68 12.12 -4.11
N PRO B 25 12.07 12.53 -2.90
CA PRO B 25 12.14 13.95 -2.60
C PRO B 25 13.31 14.67 -3.27
N VAL B 26 13.09 15.92 -3.71
CA VAL B 26 14.15 16.72 -4.32
C VAL B 26 15.00 17.31 -3.20
N ASP B 27 16.33 17.24 -3.34
CA ASP B 27 17.30 17.72 -2.35
C ASP B 27 17.33 19.25 -2.15
N SER B 28 17.36 20.04 -3.24
CA SER B 28 17.42 21.49 -3.13
C SER B 28 16.69 22.21 -4.25
N LEU B 29 16.30 23.46 -4.00
CA LEU B 29 15.64 24.28 -5.01
C LEU B 29 16.54 24.57 -6.21
N ARG B 30 17.87 24.66 -5.98
CA ARG B 30 18.83 24.92 -7.04
C ARG B 30 18.82 23.74 -8.04
N ASN B 31 18.81 22.51 -7.51
CA ASN B 31 18.85 21.32 -8.35
C ASN B 31 17.51 20.95 -8.97
N SER B 32 16.38 21.50 -8.46
CA SER B 32 15.03 21.22 -8.95
C SER B 32 14.88 21.30 -10.49
N THR B 33 15.54 22.28 -11.11
CA THR B 33 15.49 22.47 -12.56
C THR B 33 16.01 21.24 -13.34
N SER B 34 16.85 20.40 -12.71
CA SER B 34 17.42 19.23 -13.38
C SER B 34 16.63 17.94 -13.17
N PHE B 35 15.57 17.97 -12.34
CA PHE B 35 14.73 16.80 -12.10
C PHE B 35 13.38 16.90 -12.80
N ARG B 36 13.28 17.70 -13.89
CA ARG B 36 12.06 17.88 -14.67
C ARG B 36 11.71 16.63 -15.49
N PRO B 37 10.45 16.40 -15.91
CA PRO B 37 10.12 15.21 -16.73
C PRO B 37 11.04 15.03 -17.94
N TYR B 38 11.39 13.78 -18.26
CA TYR B 38 12.30 13.40 -19.33
C TYR B 38 13.77 13.55 -18.98
N CYS B 39 14.12 14.24 -17.88
CA CYS B 39 15.51 14.40 -17.50
C CYS B 39 16.15 13.06 -17.17
N LEU B 40 17.44 12.92 -17.47
CA LEU B 40 18.15 11.69 -17.22
C LEU B 40 18.92 11.80 -15.92
N LEU B 41 18.89 10.74 -15.13
CA LEU B 41 19.58 10.66 -13.86
C LEU B 41 20.40 9.39 -13.85
N ASN B 42 21.58 9.44 -13.25
CA ASN B 42 22.40 8.25 -13.11
C ASN B 42 22.49 7.85 -11.64
N ARG B 43 22.84 6.62 -11.40
CA ARG B 43 23.02 6.11 -10.06
C ARG B 43 24.23 5.18 -10.10
N LYS B 44 25.13 5.24 -9.10
CA LYS B 44 26.27 4.31 -9.08
C LYS B 44 25.78 2.87 -8.93
N PHE B 45 26.61 1.89 -9.35
CA PHE B 45 26.30 0.46 -9.29
C PHE B 45 25.78 0.07 -7.91
N SER B 46 24.60 -0.56 -7.87
CA SER B 46 24.01 -0.93 -6.59
C SER B 46 24.69 -2.12 -5.94
N SER B 47 25.44 -1.86 -4.88
CA SER B 47 26.14 -2.92 -4.17
C SER B 47 25.21 -3.71 -3.22
N SER B 48 24.05 -3.13 -2.85
CA SER B 48 23.14 -3.77 -1.93
C SER B 48 21.69 -3.69 -2.36
N ARG B 49 20.88 -4.65 -1.93
CA ARG B 49 19.45 -4.67 -2.20
C ARG B 49 18.61 -3.95 -1.09
N PHE B 50 19.25 -3.59 0.05
CA PHE B 50 18.62 -2.92 1.18
C PHE B 50 18.82 -1.40 1.17
N TRP B 51 19.92 -0.93 0.57
CA TRP B 51 20.17 0.50 0.41
C TRP B 51 20.53 0.82 -1.03
N LYS B 52 20.16 2.01 -1.49
CA LYS B 52 20.42 2.41 -2.86
C LYS B 52 21.15 3.75 -2.89
N PRO B 53 22.11 3.92 -3.81
CA PRO B 53 22.80 5.21 -3.90
C PRO B 53 21.84 6.33 -4.36
N ARG B 54 22.17 7.57 -4.00
CA ARG B 54 21.39 8.73 -4.39
C ARG B 54 21.47 8.92 -5.91
N TYR B 55 20.41 9.50 -6.49
CA TYR B 55 20.39 9.76 -7.93
C TYR B 55 21.16 11.04 -8.18
N SER B 56 22.00 11.02 -9.22
CA SER B 56 22.76 12.17 -9.65
C SER B 56 22.20 12.68 -10.99
N CYS B 57 22.43 13.95 -11.29
CA CYS B 57 21.94 14.55 -12.53
C CYS B 57 22.91 14.38 -13.68
N VAL B 58 22.41 13.89 -14.80
CA VAL B 58 23.21 13.79 -16.02
C VAL B 58 23.21 15.14 -16.79
N ASN B 59 22.26 16.04 -16.48
CA ASN B 59 22.06 17.33 -17.15
C ASN B 59 21.76 17.17 -18.65
N LEU B 60 21.13 16.03 -18.99
CA LEU B 60 20.69 15.64 -20.31
C LEU B 60 19.24 15.15 -20.21
N SER B 61 18.56 15.18 -21.33
CA SER B 61 17.18 14.73 -21.44
C SER B 61 17.15 13.46 -22.32
N ILE B 62 16.05 12.71 -22.28
CA ILE B 62 15.91 11.48 -23.07
C ILE B 62 16.16 11.71 -24.58
N LYS B 63 15.78 12.90 -25.12
CA LYS B 63 15.98 13.24 -26.52
C LYS B 63 17.44 13.34 -26.90
N ASP B 64 18.32 13.63 -25.94
CA ASP B 64 19.75 13.81 -26.16
C ASP B 64 20.49 12.51 -26.47
N ILE B 65 19.89 11.36 -26.13
CA ILE B 65 20.46 10.05 -26.42
C ILE B 65 19.68 9.27 -27.49
N LEU B 66 18.64 9.86 -28.07
CA LEU B 66 17.83 9.20 -29.08
C LEU B 66 17.90 9.90 -30.45
N GLU B 67 17.58 9.13 -31.50
CA GLU B 67 17.52 9.59 -32.87
C GLU B 67 16.14 9.19 -33.45
N PRO B 68 15.45 10.07 -34.21
CA PRO B 68 15.87 11.41 -34.60
C PRO B 68 15.80 12.40 -33.43
N SER B 69 16.70 13.38 -33.43
CA SER B 69 16.73 14.36 -32.34
C SER B 69 15.56 15.31 -32.49
N ALA B 70 14.66 15.32 -31.50
CA ALA B 70 13.47 16.17 -31.52
C ALA B 70 12.97 16.42 -30.10
N PRO B 71 12.37 17.59 -29.83
CA PRO B 71 11.85 17.84 -28.48
C PRO B 71 10.78 16.86 -28.05
N GLU B 72 10.73 16.55 -26.75
CA GLU B 72 9.78 15.61 -26.19
C GLU B 72 8.40 16.24 -26.10
N PRO B 73 7.33 15.41 -26.17
CA PRO B 73 5.97 15.96 -26.04
C PRO B 73 5.73 16.57 -24.66
N GLU B 74 4.83 17.55 -24.56
CA GLU B 74 4.54 18.20 -23.29
C GLU B 74 3.95 17.20 -22.27
N PRO B 75 4.47 17.16 -21.03
CA PRO B 75 3.93 16.24 -20.03
C PRO B 75 2.48 16.61 -19.66
N GLU B 76 1.66 15.61 -19.38
CA GLU B 76 0.27 15.86 -19.03
C GLU B 76 0.12 16.25 -17.58
N CYS B 77 -0.86 17.10 -17.25
CA CYS B 77 -1.12 17.46 -15.87
C CYS B 77 -2.15 16.46 -15.31
N PHE B 78 -1.69 15.52 -14.48
CA PHE B 78 -2.56 14.52 -13.89
C PHE B 78 -3.48 15.11 -12.86
N GLY B 79 -2.95 15.91 -11.95
CA GLY B 79 -3.79 16.48 -10.90
C GLY B 79 -3.23 17.66 -10.14
N SER B 80 -4.08 18.24 -9.28
CA SER B 80 -3.73 19.37 -8.42
C SER B 80 -4.16 19.07 -7.00
N PHE B 81 -3.42 19.59 -6.01
CA PHE B 81 -3.73 19.35 -4.59
C PHE B 81 -3.53 20.61 -3.79
N LYS B 82 -4.27 20.71 -2.70
CA LYS B 82 -4.14 21.82 -1.77
C LYS B 82 -3.58 21.21 -0.50
N VAL B 83 -2.25 21.13 -0.43
CA VAL B 83 -1.55 20.57 0.72
C VAL B 83 -1.44 21.65 1.80
N SER B 84 -1.71 21.30 3.05
CA SER B 84 -1.69 22.27 4.14
C SER B 84 -0.60 21.99 5.17
N ALA B 117 -2.34 29.08 4.99
CA ALA B 117 -1.46 27.93 5.24
C ALA B 117 -1.54 26.83 4.15
N SER B 118 -2.16 27.16 2.98
CA SER B 118 -2.38 26.22 1.88
C SER B 118 -1.46 26.41 0.70
N MET B 119 -0.71 25.38 0.37
CA MET B 119 0.17 25.40 -0.78
C MET B 119 -0.46 24.53 -1.87
N ASN B 120 -0.53 25.05 -3.08
CA ASN B 120 -1.07 24.30 -4.20
C ASN B 120 0.04 23.62 -5.01
N VAL B 121 -0.02 22.29 -5.12
CA VAL B 121 0.95 21.52 -5.90
C VAL B 121 0.24 20.76 -7.02
N CYS B 122 0.97 20.38 -8.07
CA CYS B 122 0.40 19.62 -9.17
C CYS B 122 1.32 18.54 -9.66
N ILE B 123 0.75 17.52 -10.27
CA ILE B 123 1.47 16.38 -10.79
C ILE B 123 1.58 16.44 -12.30
N LEU B 124 2.79 16.45 -12.83
CA LEU B 124 3.00 16.39 -14.28
C LEU B 124 3.53 15.01 -14.57
N ARG B 125 2.90 14.27 -15.48
CA ARG B 125 3.34 12.92 -15.80
C ARG B 125 3.51 12.65 -17.29
N VAL B 126 4.45 11.76 -17.62
CA VAL B 126 4.66 11.31 -18.99
C VAL B 126 3.89 10.01 -19.08
N THR B 127 2.86 9.97 -19.91
CA THR B 127 2.00 8.80 -20.03
C THR B 127 2.70 7.58 -20.63
N GLN B 128 2.20 6.38 -20.33
CA GLN B 128 2.77 5.16 -20.89
C GLN B 128 2.68 5.15 -22.42
N LYS B 129 1.58 5.69 -22.97
CA LYS B 129 1.40 5.81 -24.42
C LYS B 129 2.47 6.70 -25.05
N THR B 130 2.91 7.75 -24.34
CA THR B 130 3.95 8.64 -24.84
C THR B 130 5.28 7.88 -24.90
N TRP B 131 5.56 7.04 -23.89
CA TRP B 131 6.78 6.26 -23.89
C TRP B 131 6.76 5.21 -24.99
N GLU B 132 5.61 4.54 -25.18
CA GLU B 132 5.46 3.53 -26.22
C GLU B 132 5.60 4.14 -27.62
N THR B 133 5.05 5.36 -27.80
CA THR B 133 5.15 6.07 -29.08
C THR B 133 6.61 6.45 -29.35
N MET B 134 7.31 6.93 -28.31
CA MET B 134 8.72 7.33 -28.39
C MET B 134 9.61 6.13 -28.67
N GLN B 135 9.27 4.94 -28.13
CA GLN B 135 10.03 3.71 -28.39
C GLN B 135 9.87 3.23 -29.83
N HIS B 136 8.70 3.47 -30.43
CA HIS B 136 8.42 3.07 -31.80
C HIS B 136 9.06 4.06 -32.79
N GLU B 137 9.01 5.36 -32.49
CA GLU B 137 9.53 6.40 -33.38
C GLU B 137 11.03 6.68 -33.25
N ARG B 138 11.59 6.49 -32.06
CA ARG B 138 13.00 6.79 -31.82
C ARG B 138 13.84 5.59 -31.43
N HIS B 139 15.07 5.59 -31.92
CA HIS B 139 16.04 4.55 -31.65
C HIS B 139 17.28 5.16 -30.97
N LEU B 140 18.14 4.34 -30.37
CA LEU B 140 19.34 4.83 -29.72
C LEU B 140 20.28 5.46 -30.74
N GLN B 141 20.99 6.55 -30.36
CA GLN B 141 21.95 7.21 -31.24
C GLN B 141 23.06 6.22 -31.57
N GLN B 142 23.01 5.70 -32.78
CA GLN B 142 23.89 4.64 -33.26
C GLN B 142 25.40 4.87 -33.03
N PRO B 143 26.09 5.98 -33.44
CA PRO B 143 27.53 6.09 -33.12
C PRO B 143 27.86 6.29 -31.61
N GLU B 144 26.84 6.10 -30.73
CA GLU B 144 26.85 6.10 -29.27
C GLU B 144 27.34 7.40 -28.61
N ASN B 145 26.50 7.96 -27.73
CA ASN B 145 26.76 9.18 -26.98
C ASN B 145 27.93 8.96 -26.00
N LYS B 146 28.80 9.97 -25.85
CA LYS B 146 29.97 9.93 -24.97
C LYS B 146 29.62 9.79 -23.48
N ILE B 147 28.52 10.41 -23.03
CA ILE B 147 28.12 10.34 -21.61
C ILE B 147 27.68 8.93 -21.25
N LEU B 148 27.00 8.24 -22.17
CA LEU B 148 26.56 6.86 -21.96
C LEU B 148 27.78 5.93 -21.87
N GLN B 149 28.83 6.18 -22.68
CA GLN B 149 30.06 5.40 -22.63
C GLN B 149 30.74 5.55 -21.25
N GLN B 150 30.69 6.76 -20.64
CA GLN B 150 31.27 7.05 -19.33
C GLN B 150 30.51 6.31 -18.22
N LEU B 151 29.17 6.31 -18.31
CA LEU B 151 28.34 5.65 -17.33
C LEU B 151 28.50 4.13 -17.42
N ARG B 152 28.58 3.61 -18.65
CA ARG B 152 28.77 2.17 -18.91
C ARG B 152 30.10 1.68 -18.32
N SER B 153 31.18 2.47 -18.43
CA SER B 153 32.50 2.11 -17.92
C SER B 153 32.51 2.00 -16.40
N ARG B 154 31.85 2.93 -15.72
CA ARG B 154 31.76 2.92 -14.26
C ARG B 154 30.71 1.92 -13.71
N GLY B 155 29.88 1.36 -14.57
CA GLY B 155 28.84 0.43 -14.14
C GLY B 155 27.63 1.11 -13.55
N ASP B 156 27.41 2.39 -13.90
CA ASP B 156 26.27 3.16 -13.42
C ASP B 156 24.97 2.70 -14.08
N ASP B 157 23.84 2.97 -13.42
CA ASP B 157 22.51 2.68 -13.95
C ASP B 157 21.91 4.01 -14.43
N LEU B 158 21.12 3.97 -15.51
CA LEU B 158 20.50 5.18 -16.06
C LEU B 158 18.99 5.15 -15.85
N PHE B 159 18.42 6.31 -15.49
CA PHE B 159 17.01 6.48 -15.18
C PHE B 159 16.43 7.71 -15.86
N VAL B 160 15.10 7.75 -16.05
CA VAL B 160 14.45 8.90 -16.65
C VAL B 160 13.29 9.36 -15.76
N VAL B 161 13.17 10.67 -15.54
CA VAL B 161 12.09 11.20 -14.71
C VAL B 161 10.77 11.08 -15.44
N THR B 162 9.85 10.29 -14.90
CA THR B 162 8.55 10.06 -15.51
C THR B 162 7.42 10.89 -14.94
N GLU B 163 7.59 11.42 -13.73
CA GLU B 163 6.54 12.19 -13.07
C GLU B 163 7.14 13.17 -12.10
N VAL B 164 6.56 14.37 -11.96
CA VAL B 164 7.04 15.36 -11.02
C VAL B 164 5.90 15.94 -10.19
N LEU B 165 6.22 16.38 -8.99
CA LEU B 165 5.29 17.05 -8.12
C LEU B 165 5.88 18.45 -7.98
N GLN B 166 5.23 19.44 -8.58
CA GLN B 166 5.73 20.80 -8.56
C GLN B 166 4.74 21.81 -7.99
N THR B 167 5.24 22.97 -7.52
CA THR B 167 4.37 24.02 -6.99
C THR B 167 3.61 24.73 -8.13
N LYS B 168 2.37 25.14 -7.87
CA LYS B 168 1.59 25.87 -8.86
C LYS B 168 1.83 27.36 -8.72
N GLU B 169 1.96 27.85 -7.48
CA GLU B 169 2.16 29.26 -7.17
C GLU B 169 3.45 29.48 -6.34
N GLU B 170 3.89 30.73 -6.21
CA GLU B 170 5.06 31.05 -5.40
C GLU B 170 4.63 31.02 -3.93
N VAL B 171 5.41 30.35 -3.06
CA VAL B 171 5.08 30.27 -1.64
C VAL B 171 6.22 30.80 -0.80
N GLN B 172 5.91 31.54 0.28
CA GLN B 172 6.93 32.08 1.17
C GLN B 172 6.99 31.28 2.48
N ILE B 173 7.64 30.10 2.44
CA ILE B 173 7.76 29.25 3.61
C ILE B 173 8.80 29.82 4.57
N THR B 174 8.40 30.10 5.82
CA THR B 174 9.32 30.68 6.79
C THR B 174 9.91 29.61 7.74
N GLU B 175 11.18 29.80 8.10
CA GLU B 175 11.93 28.92 9.01
C GLU B 175 11.93 29.55 10.39
N ARG B 194 15.72 30.67 14.44
CA ARG B 194 16.30 31.71 13.60
C ARG B 194 15.39 32.10 12.43
N LYS B 195 15.43 33.38 12.03
CA LYS B 195 14.59 33.91 10.95
C LYS B 195 15.22 33.74 9.56
N LYS B 196 14.71 32.78 8.77
CA LYS B 196 15.21 32.49 7.42
C LYS B 196 14.08 32.18 6.43
N MET B 197 13.37 33.21 5.94
CA MET B 197 12.28 33.00 4.99
C MET B 197 12.76 32.45 3.62
N VAL B 198 12.50 31.15 3.36
CA VAL B 198 12.90 30.56 2.09
C VAL B 198 11.77 30.66 1.08
N THR B 199 11.94 31.50 0.04
CA THR B 199 10.92 31.64 -0.99
C THR B 199 11.05 30.52 -2.01
N ILE B 200 9.92 29.94 -2.41
CA ILE B 200 9.90 28.87 -3.40
C ILE B 200 9.10 29.40 -4.58
N PRO B 201 9.73 29.58 -5.75
CA PRO B 201 8.99 30.13 -6.90
C PRO B 201 7.98 29.14 -7.50
N ALA B 202 7.07 29.64 -8.34
CA ALA B 202 6.07 28.78 -8.98
C ALA B 202 6.76 27.86 -9.99
N GLY B 203 6.30 26.61 -10.04
CA GLY B 203 6.84 25.60 -10.94
C GLY B 203 8.08 24.91 -10.43
N SER B 204 8.27 24.88 -9.11
CA SER B 204 9.46 24.24 -8.52
C SER B 204 9.26 22.78 -8.25
N ILE B 205 10.15 21.91 -8.77
CA ILE B 205 10.03 20.47 -8.54
C ILE B 205 10.34 20.15 -7.07
N LEU B 206 9.38 19.57 -6.37
CA LEU B 206 9.50 19.19 -4.97
C LEU B 206 9.81 17.69 -4.82
N ALA B 207 9.28 16.87 -5.72
CA ALA B 207 9.46 15.42 -5.69
C ALA B 207 9.37 14.87 -7.12
N PHE B 208 9.81 13.62 -7.33
CA PHE B 208 9.79 13.04 -8.68
C PHE B 208 9.76 11.51 -8.67
N ARG B 209 9.30 10.92 -9.76
CA ARG B 209 9.26 9.48 -9.92
C ARG B 209 10.18 9.12 -11.07
N VAL B 210 10.97 8.07 -10.92
CA VAL B 210 11.89 7.66 -11.96
C VAL B 210 11.52 6.28 -12.55
N ALA B 211 12.06 5.98 -13.72
CA ALA B 211 11.88 4.70 -14.38
C ALA B 211 13.24 4.33 -14.94
N GLN B 212 13.75 3.15 -14.60
CA GLN B 212 15.06 2.74 -15.06
C GLN B 212 15.00 2.39 -16.51
N LEU B 213 15.88 2.98 -17.32
CA LEU B 213 15.92 2.61 -18.72
C LEU B 213 17.08 1.66 -18.98
N LEU B 214 16.84 0.64 -19.81
CA LEU B 214 17.82 -0.39 -20.15
C LEU B 214 18.27 -0.15 -21.58
N ILE B 215 19.52 0.27 -21.77
CA ILE B 215 20.02 0.54 -23.10
C ILE B 215 21.09 -0.48 -23.53
N GLY B 216 20.84 -1.10 -24.68
CA GLY B 216 21.72 -2.10 -25.29
C GLY B 216 21.60 -1.98 -26.79
N SER B 217 21.11 -3.03 -27.46
CA SER B 217 20.86 -2.97 -28.91
C SER B 217 19.64 -2.07 -29.21
N LYS B 218 18.66 -2.05 -28.27
CA LYS B 218 17.45 -1.22 -28.26
C LYS B 218 17.32 -0.64 -26.83
N TRP B 219 16.57 0.46 -26.69
CA TRP B 219 16.33 1.06 -25.39
C TRP B 219 14.94 0.68 -24.86
N ASP B 220 14.82 0.46 -23.56
CA ASP B 220 13.54 0.07 -22.96
C ASP B 220 13.33 0.79 -21.64
N ILE B 221 12.08 1.14 -21.30
CA ILE B 221 11.80 1.83 -20.05
C ILE B 221 11.05 0.92 -19.05
N LEU B 222 11.59 0.78 -17.84
CA LEU B 222 10.99 -0.05 -16.81
C LEU B 222 10.06 0.77 -15.94
N LEU B 223 8.77 0.80 -16.28
CA LEU B 223 7.77 1.52 -15.51
C LEU B 223 7.48 0.75 -14.21
N VAL B 224 7.37 -0.59 -14.30
CA VAL B 224 7.23 -1.43 -13.13
C VAL B 224 8.67 -1.80 -12.79
N SER B 225 9.24 -1.19 -11.73
CA SER B 225 10.64 -1.40 -11.39
C SER B 225 11.01 -2.83 -11.03
N ASP B 226 12.24 -3.22 -11.39
CA ASP B 226 12.85 -4.51 -11.10
C ASP B 226 14.19 -4.16 -10.48
N GLU B 227 14.36 -4.50 -9.20
CA GLU B 227 15.57 -4.19 -8.44
C GLU B 227 16.81 -4.98 -8.89
N LYS B 228 16.60 -6.12 -9.53
CA LYS B 228 17.70 -6.96 -10.01
C LYS B 228 18.24 -6.53 -11.39
N GLN B 229 17.60 -5.56 -12.05
CA GLN B 229 18.04 -5.13 -13.38
C GLN B 229 19.17 -4.12 -13.40
N ARG B 230 20.04 -4.25 -14.41
CA ARG B 230 21.18 -3.36 -14.66
C ARG B 230 20.94 -2.66 -16.01
N THR B 231 21.21 -1.35 -16.11
CA THR B 231 20.98 -0.59 -17.34
C THR B 231 21.82 -1.12 -18.52
N PHE B 232 23.10 -1.35 -18.29
CA PHE B 232 23.99 -1.87 -19.32
C PHE B 232 24.27 -3.35 -19.00
N GLU B 233 23.99 -4.26 -19.94
CA GLU B 233 24.20 -5.69 -19.71
C GLU B 233 25.64 -6.13 -20.00
N PRO B 234 26.41 -6.49 -18.96
CA PRO B 234 27.80 -6.93 -19.21
C PRO B 234 27.92 -8.39 -19.66
N GLU B 250 13.53 -14.97 -2.23
CA GLU B 250 14.41 -13.81 -2.04
C GLU B 250 13.75 -12.77 -1.11
N ALA B 251 13.44 -13.19 0.13
CA ALA B 251 12.79 -12.32 1.13
C ALA B 251 13.72 -11.21 1.66
N ALA B 252 13.23 -9.95 1.60
CA ALA B 252 13.99 -8.79 2.09
C ALA B 252 13.73 -8.57 3.58
N ASP B 253 14.42 -9.34 4.43
CA ASP B 253 14.31 -9.28 5.88
C ASP B 253 15.67 -8.91 6.56
N PHE B 254 15.68 -8.71 7.90
CA PHE B 254 16.92 -8.35 8.58
C PHE B 254 17.99 -9.43 8.46
N GLN B 255 17.57 -10.70 8.46
CA GLN B 255 18.50 -11.82 8.35
C GLN B 255 19.35 -11.78 7.08
N GLY B 256 18.75 -11.39 5.96
CA GLY B 256 19.44 -11.27 4.68
C GLY B 256 20.37 -10.07 4.63
N LEU B 257 19.99 -9.00 5.33
CA LEU B 257 20.76 -7.77 5.44
C LEU B 257 22.00 -8.02 6.28
N TYR B 258 21.86 -8.76 7.38
CA TYR B 258 22.99 -9.09 8.24
C TYR B 258 24.01 -9.93 7.48
N ALA B 259 23.54 -10.94 6.73
CA ALA B 259 24.39 -11.84 5.96
C ALA B 259 25.18 -11.11 4.88
N GLU B 260 24.53 -10.12 4.24
CA GLU B 260 25.16 -9.33 3.19
C GLU B 260 26.28 -8.45 3.75
N VAL B 261 26.05 -7.82 4.91
CA VAL B 261 27.05 -6.97 5.53
C VAL B 261 28.18 -7.81 6.12
N LYS B 262 27.84 -8.96 6.75
CA LYS B 262 28.81 -9.89 7.34
C LYS B 262 29.74 -10.48 6.27
N ALA B 263 29.23 -10.71 5.06
CA ALA B 263 30.04 -11.22 3.96
C ALA B 263 31.11 -10.19 3.56
N CYS B 264 30.73 -8.91 3.55
CA CYS B 264 31.63 -7.80 3.23
C CYS B 264 32.67 -7.59 4.35
N SER B 265 32.24 -7.74 5.61
CA SER B 265 33.08 -7.60 6.80
C SER B 265 34.12 -8.71 6.86
N SER B 266 33.78 -9.92 6.40
CA SER B 266 34.71 -11.06 6.39
C SER B 266 35.93 -10.78 5.52
N GLU B 267 35.73 -10.07 4.40
CA GLU B 267 36.81 -9.70 3.50
C GLU B 267 37.75 -8.70 4.17
N LEU B 268 37.21 -7.78 4.97
CA LEU B 268 38.02 -6.90 5.81
C LEU B 268 38.52 -7.79 7.00
N GLU B 269 39.32 -7.26 7.93
CA GLU B 269 39.85 -8.04 9.07
C GLU B 269 41.02 -8.92 8.61
N SER B 270 40.86 -9.53 7.42
CA SER B 270 41.86 -10.36 6.75
C SER B 270 43.13 -9.53 6.53
N LEU B 271 42.94 -8.24 6.15
CA LEU B 271 43.98 -7.23 5.91
C LEU B 271 44.79 -6.97 7.18
N GLU B 272 46.05 -6.55 7.01
CA GLU B 272 46.92 -6.28 8.15
C GLU B 272 46.39 -5.14 9.01
N MET B 273 46.61 -5.21 10.34
CA MET B 273 46.09 -4.19 11.26
C MET B 273 46.56 -2.77 10.89
N GLU B 274 47.74 -2.64 10.28
CA GLU B 274 48.27 -1.35 9.84
C GLU B 274 47.51 -0.82 8.62
N LEU B 275 47.07 -1.73 7.74
CA LEU B 275 46.31 -1.41 6.53
C LEU B 275 44.88 -1.00 6.88
N ARG B 276 44.27 -1.73 7.83
CA ARG B 276 42.93 -1.45 8.29
C ARG B 276 42.87 -0.11 9.01
N GLN B 277 43.90 0.21 9.81
CA GLN B 277 43.94 1.48 10.53
C GLN B 277 44.17 2.68 9.62
N GLN B 278 44.94 2.54 8.53
CA GLN B 278 45.12 3.68 7.63
C GLN B 278 43.91 3.87 6.75
N ILE B 279 43.25 2.78 6.32
CA ILE B 279 42.00 2.91 5.56
C ILE B 279 40.94 3.55 6.47
N LEU B 280 40.90 3.17 7.76
CA LEU B 280 39.95 3.73 8.70
C LEU B 280 40.17 5.21 8.98
N VAL B 281 41.42 5.62 9.26
CA VAL B 281 41.71 7.04 9.52
C VAL B 281 41.50 7.90 8.28
N ASN B 282 41.80 7.35 7.10
CA ASN B 282 41.60 8.10 5.85
C ASN B 282 40.13 8.19 5.45
N ILE B 283 39.29 7.24 5.90
CA ILE B 283 37.85 7.30 5.67
C ILE B 283 37.28 8.49 6.48
N GLY B 284 37.76 8.67 7.71
CA GLY B 284 37.38 9.80 8.56
C GLY B 284 37.74 11.15 7.98
N LYS B 285 38.76 11.19 7.13
CA LYS B 285 39.18 12.41 6.47
C LYS B 285 38.35 12.65 5.19
N ILE B 286 38.06 11.58 4.40
CA ILE B 286 37.20 11.76 3.22
C ILE B 286 35.74 12.03 3.60
N LEU B 287 35.33 11.73 4.84
CA LEU B 287 33.98 12.06 5.31
C LEU B 287 33.79 13.58 5.44
N GLN B 288 34.89 14.35 5.58
CA GLN B 288 34.85 15.80 5.62
C GLN B 288 34.63 16.38 4.22
N ASP B 289 35.15 15.70 3.17
CA ASP B 289 35.06 16.18 1.79
C ASP B 289 34.27 15.20 0.91
N GLN B 290 32.98 15.48 0.69
CA GLN B 290 32.12 14.63 -0.14
C GLN B 290 32.67 14.46 -1.56
N PRO B 291 33.04 15.53 -2.30
CA PRO B 291 33.63 15.32 -3.64
C PRO B 291 34.89 14.43 -3.67
N SER B 292 35.65 14.36 -2.56
CA SER B 292 36.82 13.49 -2.50
C SER B 292 36.36 12.03 -2.49
N MET B 293 35.30 11.74 -1.71
CA MET B 293 34.71 10.42 -1.58
C MET B 293 34.01 9.99 -2.87
N GLU B 294 33.39 10.95 -3.57
CA GLU B 294 32.66 10.79 -4.81
C GLU B 294 33.60 10.36 -5.93
N ALA B 295 34.81 10.96 -5.99
CA ALA B 295 35.82 10.69 -7.00
C ALA B 295 36.46 9.33 -6.79
N LEU B 296 36.71 8.97 -5.53
CA LEU B 296 37.28 7.68 -5.13
C LEU B 296 36.31 6.55 -5.50
N GLU B 297 35.00 6.78 -5.34
CA GLU B 297 33.96 5.84 -5.68
C GLU B 297 33.94 5.57 -7.19
N ALA B 298 34.11 6.61 -8.00
CA ALA B 298 34.12 6.45 -9.45
C ALA B 298 35.37 5.69 -9.91
N SER B 299 36.52 5.94 -9.26
CA SER B 299 37.77 5.26 -9.58
C SER B 299 37.66 3.76 -9.28
N LEU B 300 37.01 3.40 -8.15
CA LEU B 300 36.83 2.01 -7.75
C LEU B 300 35.82 1.31 -8.66
N GLY B 301 34.75 2.00 -9.00
CA GLY B 301 33.69 1.47 -9.85
C GLY B 301 34.16 1.19 -11.26
N GLN B 302 34.95 2.12 -11.79
CA GLN B 302 35.49 1.96 -13.13
C GLN B 302 36.56 0.85 -13.14
N GLY B 303 37.37 0.79 -12.09
CA GLY B 303 38.38 -0.25 -11.95
C GLY B 303 37.78 -1.63 -11.79
N LEU B 304 36.62 -1.72 -11.15
CA LEU B 304 35.96 -3.03 -10.96
C LEU B 304 35.21 -3.46 -12.20
N CYS B 305 34.61 -2.51 -12.93
CA CYS B 305 33.86 -2.86 -14.14
C CYS B 305 34.73 -3.00 -15.37
N SER B 306 35.92 -2.40 -15.39
CA SER B 306 36.79 -2.45 -16.55
C SER B 306 38.03 -3.30 -16.31
N GLY B 307 38.59 -3.19 -15.12
CA GLY B 307 39.79 -3.96 -14.77
C GLY B 307 41.08 -3.39 -15.30
N GLY B 308 41.09 -2.08 -15.57
CA GLY B 308 42.28 -1.41 -16.07
C GLY B 308 43.01 -0.66 -14.98
N GLN B 309 44.18 -0.10 -15.32
CA GLN B 309 44.97 0.66 -14.34
C GLN B 309 44.25 1.94 -13.95
N VAL B 310 44.17 2.22 -12.65
CA VAL B 310 43.49 3.39 -12.16
C VAL B 310 44.47 4.54 -11.86
N GLU B 311 44.08 5.75 -12.25
CA GLU B 311 44.86 6.97 -12.07
C GLU B 311 44.96 7.32 -10.60
N PRO B 312 46.17 7.60 -10.11
CA PRO B 312 46.32 7.95 -8.69
C PRO B 312 45.53 9.21 -8.30
N LEU B 313 44.95 9.21 -7.11
CA LEU B 313 44.19 10.37 -6.64
C LEU B 313 44.98 11.23 -5.64
N ASP B 314 44.45 12.42 -5.32
CA ASP B 314 45.08 13.30 -4.35
C ASP B 314 44.34 13.20 -3.01
N GLY B 315 45.01 13.56 -1.93
CA GLY B 315 44.44 13.57 -0.59
C GLY B 315 44.15 12.21 0.00
N PRO B 316 43.31 12.17 1.04
CA PRO B 316 42.98 10.89 1.67
C PRO B 316 42.34 9.86 0.73
N ALA B 317 41.71 10.33 -0.36
CA ALA B 317 41.15 9.45 -1.39
C ALA B 317 42.29 8.67 -2.07
N GLY B 318 43.41 9.35 -2.34
CA GLY B 318 44.59 8.75 -2.92
C GLY B 318 45.24 7.74 -2.02
N CYS B 319 45.30 8.02 -0.71
CA CYS B 319 45.88 7.11 0.28
C CYS B 319 45.10 5.80 0.37
N ILE B 320 43.76 5.88 0.32
CA ILE B 320 42.90 4.69 0.35
C ILE B 320 43.06 3.90 -0.95
N LEU B 321 43.17 4.59 -2.08
CA LEU B 321 43.33 3.96 -3.39
C LEU B 321 44.64 3.22 -3.47
N GLU B 322 45.72 3.77 -2.86
CA GLU B 322 47.06 3.17 -2.81
C GLU B 322 47.06 1.85 -2.05
N CYS B 323 46.20 1.73 -1.03
CA CYS B 323 46.08 0.51 -0.24
C CYS B 323 45.47 -0.62 -1.08
N LEU B 324 44.46 -0.28 -1.88
CA LEU B 324 43.71 -1.24 -2.67
C LEU B 324 44.30 -1.56 -4.04
N VAL B 325 45.42 -0.94 -4.41
CA VAL B 325 45.96 -1.11 -5.75
C VAL B 325 47.33 -1.85 -5.79
N LEU B 326 47.68 -2.39 -6.98
CA LEU B 326 48.91 -3.13 -7.23
C LEU B 326 50.06 -2.21 -7.70
N ASP B 327 51.28 -2.78 -7.85
CA ASP B 327 52.44 -2.08 -8.37
C ASP B 327 52.25 -1.69 -9.87
N SER B 328 51.34 -2.40 -10.57
CA SER B 328 51.03 -2.19 -12.00
C SER B 328 49.97 -1.08 -12.22
N GLY B 329 49.16 -0.81 -11.21
CA GLY B 329 48.11 0.19 -11.31
C GLY B 329 46.70 -0.40 -11.27
N GLU B 330 46.57 -1.72 -11.38
CA GLU B 330 45.26 -2.38 -11.36
C GLU B 330 44.85 -2.68 -9.93
N LEU B 331 43.56 -2.49 -9.61
CA LEU B 331 43.03 -2.74 -8.27
C LEU B 331 43.02 -4.23 -7.93
N VAL B 332 43.08 -4.55 -6.64
CA VAL B 332 42.96 -5.93 -6.20
C VAL B 332 41.47 -6.10 -5.94
N PRO B 333 40.78 -6.94 -6.73
CA PRO B 333 39.33 -7.07 -6.60
C PRO B 333 38.81 -7.43 -5.21
N GLU B 334 39.53 -8.31 -4.51
CA GLU B 334 39.14 -8.74 -3.16
C GLU B 334 39.20 -7.59 -2.15
N LEU B 335 40.06 -6.59 -2.40
CA LEU B 335 40.25 -5.44 -1.52
C LEU B 335 39.34 -4.28 -1.92
N ALA B 336 39.23 -4.01 -3.23
CA ALA B 336 38.46 -2.90 -3.77
C ALA B 336 36.97 -3.05 -3.62
N ALA B 337 36.43 -4.26 -3.82
CA ALA B 337 34.98 -4.49 -3.74
C ALA B 337 34.36 -4.19 -2.37
N PRO B 338 34.92 -4.67 -1.24
CA PRO B 338 34.32 -4.33 0.06
C PRO B 338 34.46 -2.85 0.40
N ILE B 339 35.56 -2.20 -0.03
CA ILE B 339 35.72 -0.77 0.20
C ILE B 339 34.71 0.02 -0.63
N PHE B 340 34.41 -0.43 -1.86
CA PHE B 340 33.41 0.19 -2.73
C PHE B 340 32.03 0.11 -2.07
N TYR B 341 31.72 -1.03 -1.43
CA TYR B 341 30.47 -1.23 -0.71
C TYR B 341 30.39 -0.26 0.46
N LEU B 342 31.43 -0.20 1.30
CA LEU B 342 31.45 0.69 2.47
C LEU B 342 31.30 2.16 2.08
N LEU B 343 31.99 2.61 1.02
CA LEU B 343 31.88 4.00 0.54
C LEU B 343 30.49 4.31 -0.04
N GLY B 344 29.88 3.31 -0.65
CA GLY B 344 28.52 3.43 -1.18
C GLY B 344 27.52 3.60 -0.06
N ALA B 345 27.72 2.88 1.06
CA ALA B 345 26.85 2.98 2.23
C ALA B 345 27.02 4.33 2.90
N LEU B 346 28.23 4.92 2.89
CA LEU B 346 28.47 6.23 3.47
C LEU B 346 27.83 7.32 2.61
N ALA B 347 27.84 7.15 1.28
CA ALA B 347 27.27 8.09 0.32
C ALA B 347 25.77 8.30 0.52
N VAL B 348 25.07 7.27 1.02
CA VAL B 348 23.64 7.33 1.29
C VAL B 348 23.36 8.27 2.48
N LEU B 349 24.25 8.26 3.49
CA LEU B 349 24.10 9.07 4.69
C LEU B 349 24.18 10.57 4.44
N SER B 350 23.60 11.36 5.35
CA SER B 350 23.60 12.81 5.25
C SER B 350 24.94 13.42 5.72
N GLU B 351 25.19 14.72 5.43
CA GLU B 351 26.43 15.40 5.82
C GLU B 351 26.64 15.30 7.34
N THR B 352 25.58 15.59 8.12
CA THR B 352 25.56 15.54 9.58
C THR B 352 25.91 14.15 10.10
N GLN B 353 25.35 13.10 9.48
CA GLN B 353 25.64 11.73 9.87
C GLN B 353 27.10 11.37 9.59
N GLN B 354 27.64 11.84 8.46
CA GLN B 354 29.03 11.59 8.08
C GLN B 354 29.99 12.28 9.03
N GLN B 355 29.70 13.53 9.42
CA GLN B 355 30.56 14.26 10.35
C GLN B 355 30.52 13.63 11.77
N LEU B 356 29.43 12.94 12.13
CA LEU B 356 29.34 12.27 13.43
C LEU B 356 30.19 11.02 13.40
N LEU B 357 30.09 10.22 12.32
CA LEU B 357 30.88 9.01 12.20
C LEU B 357 32.37 9.31 12.10
N ALA B 358 32.75 10.42 11.46
CA ALA B 358 34.15 10.83 11.35
C ALA B 358 34.78 11.20 12.71
N LYS B 359 33.95 11.54 13.72
CA LYS B 359 34.43 11.88 15.04
C LYS B 359 34.46 10.62 15.91
N ALA B 360 33.39 9.83 15.86
CA ALA B 360 33.24 8.61 16.66
C ALA B 360 33.75 7.35 15.92
N LEU B 361 35.00 7.40 15.43
CA LEU B 361 35.56 6.26 14.71
C LEU B 361 36.18 5.18 15.60
N GLU B 362 36.24 5.39 16.93
CA GLU B 362 36.76 4.36 17.83
C GLU B 362 35.78 3.18 17.88
N THR B 363 36.30 1.95 17.99
CA THR B 363 35.46 0.75 18.04
C THR B 363 34.64 0.64 19.36
N THR B 364 34.84 1.56 20.32
CA THR B 364 34.12 1.54 21.61
C THR B 364 32.69 2.08 21.47
N VAL B 365 32.53 3.32 20.99
CA VAL B 365 31.21 3.93 20.80
C VAL B 365 30.50 3.36 19.57
N LEU B 366 31.26 3.02 18.53
CA LEU B 366 30.75 2.45 17.29
C LEU B 366 29.99 1.15 17.53
N SER B 367 30.49 0.30 18.44
CA SER B 367 29.85 -0.99 18.77
C SER B 367 28.50 -0.81 19.44
N LYS B 368 28.35 0.23 20.26
CA LYS B 368 27.09 0.51 20.95
C LYS B 368 26.09 1.13 20.00
N GLN B 369 26.56 2.02 19.11
CA GLN B 369 25.68 2.64 18.13
C GLN B 369 25.17 1.59 17.14
N LEU B 370 26.03 0.65 16.73
CA LEU B 370 25.67 -0.43 15.82
C LEU B 370 24.60 -1.31 16.45
N GLU B 371 24.72 -1.61 17.74
CA GLU B 371 23.76 -2.45 18.43
C GLU B 371 22.38 -1.81 18.53
N LEU B 372 22.33 -0.47 18.66
CA LEU B 372 21.07 0.26 18.71
C LEU B 372 20.37 0.20 17.35
N VAL B 373 21.11 0.46 16.26
CA VAL B 373 20.57 0.41 14.90
C VAL B 373 20.13 -1.02 14.55
N LYS B 374 20.91 -2.02 14.97
CA LYS B 374 20.61 -3.44 14.76
C LYS B 374 19.27 -3.79 15.41
N HIS B 375 19.01 -3.25 16.60
CA HIS B 375 17.77 -3.49 17.33
C HIS B 375 16.59 -2.83 16.65
N VAL B 376 16.75 -1.56 16.21
CA VAL B 376 15.71 -0.80 15.50
C VAL B 376 15.29 -1.54 14.23
N LEU B 377 16.26 -1.98 13.44
CA LEU B 377 15.98 -2.71 12.21
C LEU B 377 15.33 -4.07 12.46
N GLU B 378 15.86 -4.81 13.45
CA GLU B 378 15.36 -6.13 13.80
C GLU B 378 13.93 -6.09 14.30
N GLN B 379 13.57 -5.03 15.04
CA GLN B 379 12.22 -4.90 15.58
C GLN B 379 11.23 -4.22 14.64
N SER B 380 11.71 -3.62 13.54
CA SER B 380 10.83 -2.95 12.59
C SER B 380 10.27 -3.84 11.50
N THR B 381 10.54 -5.15 11.53
CA THR B 381 10.01 -6.08 10.54
C THR B 381 8.56 -6.45 10.95
N PRO B 382 7.57 -6.37 10.03
CA PRO B 382 7.68 -6.00 8.61
C PRO B 382 8.03 -4.53 8.37
N TRP B 383 9.06 -4.29 7.54
CA TRP B 383 9.51 -2.94 7.23
C TRP B 383 8.51 -2.10 6.41
N GLN B 384 7.39 -2.69 5.97
CA GLN B 384 6.39 -1.99 5.17
C GLN B 384 5.26 -1.33 5.98
N GLU B 385 5.26 -1.52 7.32
CA GLU B 385 4.27 -0.88 8.20
C GLU B 385 4.98 0.07 9.16
N GLN B 386 4.27 1.10 9.63
CA GLN B 386 4.84 2.04 10.59
C GLN B 386 4.73 1.38 11.94
N SER B 387 5.84 1.18 12.64
CA SER B 387 5.81 0.52 13.93
C SER B 387 6.70 1.21 14.96
N SER B 388 6.32 1.16 16.24
CA SER B 388 7.11 1.79 17.29
C SER B 388 8.11 0.80 17.89
N VAL B 389 9.36 1.23 18.09
CA VAL B 389 10.40 0.36 18.66
C VAL B 389 10.95 0.96 19.97
N SER B 390 11.11 0.14 21.03
CA SER B 390 11.72 0.62 22.28
C SER B 390 13.22 0.27 22.26
N LEU B 391 14.09 1.23 22.56
CA LEU B 391 15.54 1.05 22.52
C LEU B 391 16.21 0.88 23.88
N PRO B 392 17.21 -0.01 23.98
CA PRO B 392 17.95 -0.12 25.24
C PRO B 392 19.00 0.99 25.36
N THR B 393 18.57 2.22 25.69
CA THR B 393 19.46 3.38 25.84
C THR B 393 20.43 3.26 27.03
N VAL B 394 20.20 2.27 27.93
CA VAL B 394 21.09 1.92 29.03
C VAL B 394 22.47 1.46 28.51
N LEU B 395 22.58 1.07 27.22
CA LEU B 395 23.82 0.63 26.62
C LEU B 395 24.78 1.80 26.53
N LEU B 396 24.30 2.96 26.06
CA LEU B 396 25.05 4.20 25.88
C LEU B 396 25.67 4.71 27.18
N GLY B 397 26.74 5.47 27.07
CA GLY B 397 27.41 6.03 28.24
C GLY B 397 26.68 7.22 28.82
N ASP B 398 25.94 7.97 27.98
CA ASP B 398 25.20 9.14 28.43
C ASP B 398 23.69 9.09 28.10
N CYS B 399 22.91 9.97 28.76
CA CYS B 399 21.45 10.08 28.64
C CYS B 399 20.94 10.24 27.21
N TRP B 400 19.74 9.72 26.96
CA TRP B 400 19.07 9.74 25.67
C TRP B 400 18.34 11.06 25.45
N ASP B 401 18.94 11.97 24.69
CA ASP B 401 18.35 13.28 24.40
C ASP B 401 18.75 13.80 23.00
N GLU B 402 18.25 14.99 22.58
CA GLU B 402 18.56 15.57 21.27
C GLU B 402 20.07 15.75 21.02
N LYS B 403 20.84 16.00 22.10
CA LYS B 403 22.29 16.18 22.01
C LYS B 403 23.09 14.87 21.91
N ASN B 404 22.43 13.71 22.10
CA ASN B 404 23.08 12.41 22.03
C ASN B 404 23.45 12.10 20.58
N PRO B 405 24.67 11.60 20.33
CA PRO B 405 25.08 11.29 18.95
C PRO B 405 24.24 10.19 18.30
N THR B 406 23.79 9.21 19.10
CA THR B 406 22.94 8.13 18.58
C THR B 406 21.53 8.63 18.24
N TRP B 407 21.07 9.68 18.93
CA TRP B 407 19.78 10.29 18.62
C TRP B 407 19.90 10.99 17.26
N VAL B 408 20.95 11.78 17.04
CA VAL B 408 21.16 12.50 15.79
C VAL B 408 21.35 11.55 14.60
N LEU B 409 22.09 10.45 14.77
CA LEU B 409 22.29 9.47 13.70
C LEU B 409 20.96 8.84 13.29
N LEU B 410 20.09 8.57 14.27
CA LEU B 410 18.80 7.96 13.98
C LEU B 410 17.77 8.96 13.45
N GLU B 411 17.81 10.21 13.89
CA GLU B 411 16.89 11.25 13.44
C GLU B 411 17.18 11.62 11.98
N GLU B 412 18.46 11.64 11.59
CA GLU B 412 18.88 11.91 10.21
C GLU B 412 18.46 10.79 9.23
N CYS B 413 17.99 9.64 9.73
CA CYS B 413 17.48 8.55 8.91
C CYS B 413 15.98 8.71 8.61
N GLY B 414 15.36 9.82 9.01
CA GLY B 414 13.94 10.06 8.82
C GLY B 414 13.06 9.49 9.92
N LEU B 415 13.68 8.93 10.98
CA LEU B 415 12.97 8.34 12.09
C LEU B 415 12.58 9.42 13.08
N ARG B 416 11.32 9.42 13.53
CA ARG B 416 10.87 10.40 14.51
C ARG B 416 11.23 9.86 15.88
N LEU B 417 12.11 10.56 16.60
CA LEU B 417 12.55 10.09 17.91
C LEU B 417 11.80 10.74 19.05
N GLN B 418 11.84 10.09 20.21
CA GLN B 418 11.20 10.52 21.44
C GLN B 418 12.10 10.18 22.62
N VAL B 419 12.03 10.98 23.69
CA VAL B 419 12.85 10.79 24.89
C VAL B 419 12.66 9.41 25.52
N GLU B 420 11.43 8.88 25.55
CA GLU B 420 11.20 7.58 26.18
C GLU B 420 10.01 6.75 25.66
N SER B 421 10.11 5.43 25.92
CA SER B 421 9.21 4.29 25.67
C SER B 421 7.89 4.59 24.95
N PRO B 422 7.80 4.36 23.63
CA PRO B 422 8.88 3.95 22.70
C PRO B 422 9.73 5.15 22.21
N GLN B 423 11.04 4.94 22.07
CA GLN B 423 11.94 6.01 21.66
C GLN B 423 11.98 6.23 20.15
N VAL B 424 11.75 5.20 19.34
CA VAL B 424 11.83 5.35 17.89
C VAL B 424 10.48 5.09 17.20
N HIS B 425 10.24 5.80 16.10
CA HIS B 425 9.05 5.60 15.28
C HIS B 425 9.51 5.22 13.88
N TRP B 426 9.30 3.97 13.49
CA TRP B 426 9.70 3.49 12.17
C TRP B 426 8.79 3.99 11.06
N GLU B 427 9.40 4.41 9.97
CA GLU B 427 8.71 4.84 8.76
C GLU B 427 9.25 3.98 7.64
N PRO B 428 8.39 3.40 6.79
CA PRO B 428 8.88 2.58 5.67
C PRO B 428 9.92 3.28 4.79
N THR B 429 9.77 4.62 4.65
CA THR B 429 10.66 5.50 3.87
C THR B 429 12.12 5.50 4.41
N SER B 430 12.29 5.20 5.71
CA SER B 430 13.57 5.21 6.43
C SER B 430 14.38 3.92 6.28
N LEU B 431 13.97 3.00 5.40
CA LEU B 431 14.71 1.75 5.22
C LEU B 431 16.03 1.97 4.49
N ILE B 432 16.03 2.71 3.37
CA ILE B 432 17.26 3.01 2.64
C ILE B 432 18.36 3.64 3.53
N PRO B 433 18.10 4.73 4.29
CA PRO B 433 19.18 5.30 5.12
C PRO B 433 19.54 4.50 6.37
N THR B 434 18.59 3.76 6.98
CA THR B 434 18.91 2.99 8.19
C THR B 434 19.71 1.72 7.84
N SER B 435 19.54 1.18 6.62
CA SER B 435 20.33 0.03 6.15
C SER B 435 21.76 0.49 5.93
N ALA B 436 21.94 1.69 5.33
CA ALA B 436 23.23 2.31 5.08
C ALA B 436 23.92 2.66 6.38
N LEU B 437 23.17 3.13 7.39
CA LEU B 437 23.76 3.45 8.68
C LEU B 437 24.19 2.18 9.40
N TYR B 438 23.41 1.10 9.28
CA TYR B 438 23.76 -0.18 9.90
C TYR B 438 25.03 -0.76 9.26
N ALA B 439 25.07 -0.79 7.92
CA ALA B 439 26.20 -1.32 7.16
C ALA B 439 27.44 -0.49 7.41
N SER B 440 27.30 0.84 7.47
CA SER B 440 28.42 1.73 7.74
C SER B 440 29.02 1.45 9.12
N LEU B 441 28.19 1.42 10.18
CA LEU B 441 28.64 1.15 11.55
C LEU B 441 29.26 -0.23 11.67
N PHE B 442 28.67 -1.24 11.02
CA PHE B 442 29.15 -2.61 11.08
C PHE B 442 30.54 -2.72 10.47
N LEU B 443 30.77 -2.11 9.29
CA LEU B 443 32.07 -2.18 8.64
C LEU B 443 33.12 -1.26 9.26
N LEU B 444 32.72 -0.09 9.77
CA LEU B 444 33.67 0.83 10.40
C LEU B 444 34.17 0.29 11.74
N SER B 445 33.31 -0.43 12.48
CA SER B 445 33.76 -1.07 13.73
C SER B 445 34.63 -2.28 13.38
N SER B 446 34.26 -3.02 12.31
CA SER B 446 34.98 -4.17 11.77
C SER B 446 36.40 -3.79 11.28
N LEU B 447 36.63 -2.51 10.95
CA LEU B 447 37.96 -2.06 10.52
C LEU B 447 38.81 -1.74 11.74
N GLY B 448 38.24 -1.03 12.71
CA GLY B 448 38.97 -0.61 13.89
C GLY B 448 39.17 -1.64 14.97
N GLN B 449 38.62 -2.85 14.79
CA GLN B 449 38.72 -3.89 15.81
C GLN B 449 40.10 -4.54 15.95
N LYS B 450 40.41 -5.01 17.16
CA LYS B 450 41.70 -5.67 17.40
C LYS B 450 41.66 -7.10 16.85
N PRO B 451 42.79 -7.62 16.31
CA PRO B 451 42.77 -9.00 15.80
C PRO B 451 42.91 -10.05 16.90
CL CL C . -20.36 -1.54 0.49
C15 PE8 D . 1.98 34.02 -1.89
O16 PE8 D . 2.58 33.39 -0.77
C17 PE8 D . 1.70 32.51 -0.08
C18 PE8 D . 1.84 32.71 1.40
O19 PE8 D . 2.29 31.51 2.01
C20 PE8 D . 2.64 31.69 3.38
C21 PE8 D . 2.11 30.55 4.20
O22 PE8 D . 2.93 30.35 5.35
C23 PE8 D . 3.53 29.06 5.36
C24 PE8 D . 4.19 28.83 6.68
O25 PE8 D . 5.60 28.81 6.57
CL CL E . 31.02 -4.12 -9.70
NA NA F . 9.81 19.35 -23.08
CL CL G . 17.97 13.25 -4.66
NA NA H . 10.27 -8.34 14.91
NA NA I . 47.10 -10.12 7.92
#